data_2ESG
#
_entry.id   2ESG
#
_symmetry.space_group_name_H-M   'P 1'
#
loop_
_entity.id
_entity.type
_entity.pdbx_description
1 polymer 'Immunoglobulin A1 light chain'
2 polymer 'Immunoglobulin A1 heavy chain'
3 polymer 'Serum albumin'
#
loop_
_entity_poly.entity_id
_entity_poly.type
_entity_poly.pdbx_seq_one_letter_code
_entity_poly.pdbx_strand_id
1 'polypeptide(L)'
;ELVMTQSPSSLSASVGDRVNIACRASQGISSALAWYQQKPGKAPRLLIYDASNLESGVPSRFSGSGSGTDFTLTISSLQP
EDFAIYYCQQFNSYPLTFGGGTKVEIKRTVAAPSVFIFPPSDEQLKSGTASVVCLLNNFYPREAKVQWKVDNALQSGNSQ
ESVTEQDSKDSTYSLSSTLTLSKADYEKHKVYACEVTHQGLSSPVTKSFNRGEC
;
L,M
2 'polypeptide(L)'
;QVKLLEQSGAEVKKPGASVKVSCKASGYSFTSYGLHWVRQAPGQRLEWMGWISAGTGNTKYSQKFRGRVTFTRDTSATTA
YMGLSSLRPEDTAVYYCARDPYGGGKSEFDYWGQGTLVTVSSASPTSPKVFPLSLCSTQPDGNVVIACLVQGFFPQEPLS
VTWSESGQGVTARNFPPSQDASGDLYTTSSQLTLPATQCLAGKSVTCHVKHYTNPSQDVTVPCPVPSTPPTPSPSTPPTP
SPSCCHPRLSLHRPALEDLLLGSEANLTCTLTGLRDASGVTFTWTPSSGKSAVQGPPERDLCGCYSVSSVLPGCAEPWNH
GKTFTCTAAYPESKTPLTATLSKSGNTFRPEVHLLPPPSEELALNELVTLTCLARGFSPKDVLVRWLQGSQELPREKYLT
WASRQEPSQGTTTFAVTSILRVAAEDWKKGDTFSCMVGHEALPLAFTQKTIDRLAGKPTHVNVSVVMAEVDGTCY
;
A,B
3 'polypeptide(L)'
;DAHKSEVAHRFKDLGEENFKALVLIAFAQYLQQCPFEDHVKLVNEVTEFAKTCVADESAENCDKSLHTLFGDKLCTVATL
RETYGEMADCCAKQEPERNECFLQHKDDNPNLPRLVRPEVDVMCTAFHDNEETFLKKYLYEIARRHPYFYAPELLFFAKR
YKAAFTECCQAADKAACLLPKLDELRDEGKASSAKQRLKCASLQKFGERAFKAWAVARLSQRFPKAEFAEVSKLVTDLTK
VHTECCHGDLLECADDRADLAKYICENQDSISSKLKECCEKPLLEKSHCIAEVENDEMPADLPSLAADFVESKDVCKNYA
EAKDVFLGMFLYEYARRHPDYSVVLLLRLAKTYETTLEKCCAAADPHECYAKVFDEFKPLVEEPQNLIKQNCELFEQLGE
YKFQNALLVRYTKKVPQVSTPTLVEVSRNLGKVGSKCCKHPEAKRMPCAEDYLSVVLNQLCVLHEKTPVSDRVTKCCTES
LVNRRPCFSALEVDETYVPKEFNAETFTFHADICTLSEKERQIKKQTALVELVKHKPKATKEQLKAVMDDFAAFVEKCCK
ADDKETCFAEEGKKLVAASQAALGL
;
C
#
# COMPACT_ATOMS: atom_id res chain seq x y z
CA GLU A 1 70.04 -111.97 -28.72
CA LEU A 2 71.80 -110.21 -25.86
CA VAL A 3 69.19 -109.20 -23.32
CA MET A 4 69.32 -105.69 -21.79
CA THR A 5 67.46 -105.38 -18.48
CA GLN A 6 66.89 -101.99 -16.80
CA SER A 7 66.28 -101.38 -13.15
CA PRO A 8 63.92 -99.88 -12.01
CA SER A 9 60.94 -99.59 -14.30
CA SER A 10 59.73 -96.36 -12.59
CA LEU A 11 61.09 -93.82 -10.13
CA SER A 12 59.62 -90.59 -8.72
CA ALA A 13 62.12 -88.17 -7.20
CA SER A 14 62.14 -84.48 -6.27
CA VAL A 15 64.10 -81.88 -8.20
CA GLY A 16 67.65 -81.66 -6.90
CA ASP A 17 67.74 -85.38 -6.16
CA ARG A 18 70.38 -87.61 -7.65
CA VAL A 19 68.94 -90.58 -9.56
CA ASN A 20 70.78 -93.71 -10.82
CA ILE A 21 69.23 -96.16 -13.41
CA ALA A 22 70.96 -99.54 -13.94
CA CYS A 23 71.13 -101.63 -17.12
CA ARG A 24 72.50 -105.21 -17.26
CA ALA A 25 73.76 -106.96 -20.32
CA SER A 26 73.10 -110.76 -20.19
CA GLN A 27 76.79 -111.05 -21.19
CA GLY A 28 79.82 -108.78 -21.69
CA ILE A 29 79.53 -105.89 -24.17
CA SER A 30 82.70 -103.96 -23.21
CA SER A 31 81.67 -100.28 -23.57
CA ALA A 32 79.14 -100.61 -26.38
CA LEU A 33 76.25 -99.08 -24.61
CA ALA A 34 74.30 -95.93 -25.56
CA TRP A 35 71.53 -94.22 -23.38
CA TYR A 36 68.46 -92.42 -24.89
CA GLN A 37 65.94 -90.04 -23.45
CA GLN A 38 62.39 -90.18 -24.91
CA LYS A 39 59.85 -87.56 -23.91
CA PRO A 40 56.41 -89.05 -24.30
CA GLY A 41 55.34 -88.84 -27.93
CA LYS A 42 58.67 -87.99 -29.47
CA ALA A 43 61.57 -89.50 -31.15
CA PRO A 44 64.25 -90.83 -28.76
CA ARG A 45 67.37 -88.63 -28.17
CA LEU A 46 70.98 -89.67 -27.65
CA LEU A 47 72.53 -88.67 -24.32
CA ILE A 48 75.51 -90.97 -23.89
CA TYR A 49 77.43 -93.34 -26.27
CA ASP A 50 80.35 -95.74 -25.48
CA ALA A 51 79.01 -96.07 -21.87
CA SER A 52 80.38 -92.71 -20.77
CA ASN A 53 80.75 -90.13 -23.60
CA LEU A 54 78.14 -87.29 -23.51
CA GLU A 55 76.78 -86.36 -26.88
CA SER A 56 77.39 -82.65 -27.80
CA GLY A 57 74.73 -80.27 -26.32
CA VAL A 58 73.54 -82.72 -23.53
CA PRO A 59 73.59 -81.08 -20.06
CA SER A 60 76.58 -81.78 -17.86
CA ARG A 61 74.26 -83.27 -15.14
CA PHE A 62 73.95 -86.52 -17.16
CA SER A 63 76.82 -89.03 -16.72
CA GLY A 64 77.18 -92.78 -17.44
CA SER A 65 79.47 -95.53 -16.15
CA GLY A 66 80.08 -99.28 -16.44
CA SER A 67 81.95 -101.77 -18.53
CA GLY A 68 81.37 -105.42 -19.24
CA THR A 69 77.90 -106.18 -18.04
CA ASP A 70 76.67 -103.46 -15.59
CA PHE A 71 76.08 -99.84 -16.62
CA THR A 72 74.66 -96.80 -14.67
CA LEU A 73 73.19 -93.52 -15.93
CA THR A 74 73.24 -90.80 -13.17
CA ILE A 75 71.25 -87.54 -13.32
CA SER A 76 72.99 -85.55 -10.62
CA SER A 77 70.34 -82.84 -9.94
CA LEU A 78 66.97 -83.85 -11.35
CA GLN A 79 65.18 -81.01 -13.10
CA PRO A 80 61.34 -80.89 -14.28
CA GLU A 81 62.38 -81.14 -17.88
CA ASP A 82 63.98 -84.52 -17.12
CA PHE A 83 60.57 -86.29 -17.08
CA ALA A 84 61.00 -88.99 -19.73
CA ILE A 85 61.47 -92.73 -20.35
CA TYR A 86 65.20 -93.61 -20.49
CA TYR A 87 66.56 -96.64 -22.61
CA CYS A 88 69.88 -98.35 -22.88
CA GLN A 89 70.85 -100.10 -26.12
CA GLN A 90 73.84 -102.47 -26.83
CA PHE A 91 75.74 -102.43 -30.16
CA ASN A 92 78.29 -105.11 -29.50
CA SER A 93 76.24 -107.80 -31.26
CA TYR A 94 73.49 -108.10 -33.85
CA PRO A 95 70.42 -107.96 -33.26
CA LEU A 96 71.02 -104.64 -31.64
CA THR A 97 68.81 -104.63 -28.53
CA PHE A 98 67.17 -102.14 -26.17
CA GLY A 99 66.35 -102.35 -22.55
CA GLY A 100 62.77 -102.08 -21.32
CA GLY A 101 62.75 -98.42 -20.06
CA THR A 102 62.86 -96.52 -16.79
CA LYS A 103 60.12 -93.88 -16.55
CA VAL A 104 61.20 -90.98 -14.33
CA GLU A 105 58.30 -88.87 -12.92
CA ILE A 106 58.95 -85.64 -10.87
CA LYS A 107 57.66 -85.36 -7.23
CA ARG A 108 56.39 -81.90 -6.17
CA THR A 109 53.92 -80.12 -3.81
CA VAL A 110 50.14 -80.69 -4.13
CA ALA A 111 48.33 -78.42 -6.50
CA ALA A 112 44.56 -78.28 -6.56
CA PRO A 113 42.88 -78.37 -9.93
CA SER A 114 41.00 -75.62 -11.76
CA VAL A 115 37.70 -77.22 -12.85
CA PHE A 116 35.70 -76.30 -15.95
CA ILE A 117 32.57 -77.84 -17.48
CA PHE A 118 31.39 -77.46 -21.09
CA PRO A 119 27.87 -78.15 -22.50
CA PRO A 120 27.32 -79.96 -25.91
CA SER A 121 27.67 -77.60 -28.85
CA ASP A 122 24.71 -76.90 -31.09
CA GLU A 123 25.92 -78.63 -34.19
CA GLN A 124 26.80 -81.61 -32.10
CA LEU A 125 23.16 -81.98 -30.87
CA LYS A 126 22.23 -81.66 -34.59
CA SER A 127 23.93 -85.11 -35.14
CA GLY A 128 21.79 -86.71 -32.42
CA THR A 129 24.66 -86.95 -29.75
CA ALA A 130 25.75 -84.86 -26.81
CA SER A 131 29.23 -84.86 -25.23
CA VAL A 132 29.62 -83.00 -21.94
CA VAL A 133 33.28 -82.30 -20.91
CA CYS A 134 34.66 -81.58 -17.44
CA LEU A 135 38.26 -80.27 -17.30
CA LEU A 136 40.55 -80.44 -14.27
CA ASN A 137 43.53 -78.27 -15.17
CA ASN A 138 46.98 -78.35 -13.66
CA PHE A 139 47.14 -80.46 -10.58
CA TYR A 140 49.52 -82.63 -8.57
CA PRO A 141 49.43 -85.64 -7.53
CA ARG A 142 47.73 -87.38 -10.50
CA GLU A 143 45.00 -89.12 -8.49
CA ALA A 144 41.62 -87.34 -8.64
CA LYS A 145 37.98 -88.58 -8.86
CA VAL A 146 35.34 -87.13 -11.24
CA GLN A 147 31.70 -87.99 -10.62
CA TRP A 148 28.89 -87.05 -12.97
CA LYS A 149 25.41 -86.38 -11.64
CA VAL A 150 22.50 -85.62 -14.00
CA ASP A 151 19.35 -84.42 -12.16
CA ASN A 152 21.24 -84.19 -8.93
CA ALA A 153 22.36 -87.51 -7.36
CA LEU A 154 21.38 -89.58 -10.41
CA GLN A 155 25.07 -89.99 -10.73
CA SER A 156 26.18 -91.94 -13.73
CA GLY A 157 28.57 -94.68 -15.10
CA ASN A 158 28.96 -93.77 -18.96
CA SER A 159 32.06 -91.47 -19.08
CA GLN A 160 35.63 -91.76 -20.35
CA GLU A 161 38.79 -90.04 -19.05
CA SER A 162 42.09 -88.85 -20.47
CA VAL A 163 45.10 -87.55 -18.48
CA THR A 164 48.02 -85.75 -20.04
CA GLU A 165 51.69 -86.67 -19.22
CA GLN A 166 53.62 -84.56 -16.68
CA ASP A 167 54.36 -81.04 -17.81
CA SER A 168 58.10 -80.38 -18.15
CA LYS A 169 57.74 -76.88 -16.75
CA ASP A 170 55.59 -77.25 -13.59
CA SER A 171 55.16 -81.03 -13.13
CA THR A 172 51.35 -81.08 -13.23
CA TYR A 173 48.72 -83.19 -15.00
CA SER A 174 45.45 -82.11 -16.56
CA LEU A 175 42.46 -84.45 -17.05
CA SER A 176 39.20 -84.55 -19.09
CA SER A 177 36.11 -86.57 -18.46
CA THR A 178 33.64 -86.83 -21.34
CA LEU A 179 30.10 -87.89 -20.60
CA THR A 180 28.33 -89.01 -23.77
CA LEU A 181 24.60 -89.40 -24.11
CA SER A 182 22.17 -89.27 -27.02
CA LYS A 183 20.37 -85.94 -27.97
CA ALA A 184 17.12 -87.47 -26.55
CA ASP A 185 18.78 -88.52 -23.28
CA TYR A 186 20.29 -85.09 -22.84
CA GLU A 187 16.88 -83.47 -23.71
CA LYS A 188 15.23 -84.97 -20.73
CA HIS A 189 17.42 -83.85 -17.89
CA LYS A 190 18.31 -80.29 -16.80
CA VAL A 191 21.11 -80.12 -14.12
CA TYR A 192 24.39 -81.57 -15.41
CA ALA A 193 27.22 -81.59 -12.86
CA CYS A 194 30.87 -82.58 -12.49
CA GLU A 195 32.01 -83.29 -8.88
CA VAL A 196 35.75 -83.39 -8.21
CA THR A 197 37.77 -84.89 -5.39
CA HIS A 198 41.51 -84.33 -5.12
CA GLN A 199 43.97 -83.86 -2.21
CA GLY A 200 44.61 -80.11 -2.73
CA LEU A 201 40.94 -79.12 -2.43
CA SER A 202 39.37 -78.61 1.04
CA SER A 203 35.94 -79.74 -0.16
CA PRO A 204 34.70 -81.67 -3.28
CA VAL A 205 34.13 -79.16 -6.08
CA THR A 206 31.02 -79.10 -8.33
CA LYS A 207 30.60 -77.30 -11.65
CA SER A 208 27.05 -77.53 -12.98
CA PHE A 209 24.95 -76.04 -15.72
CA ASN A 210 21.29 -76.01 -16.61
CA ARG A 211 20.16 -77.38 -20.00
CA GLY A 212 18.97 -74.11 -21.59
CA GLU A 213 22.18 -71.89 -21.38
CA CYS A 214 22.40 -68.19 -22.50
CA GLU B 1 -84.12 28.60 47.44
CA LEU B 2 -84.41 28.69 43.67
CA VAL B 3 -83.27 25.37 42.30
CA MET B 4 -80.93 25.27 39.27
CA THR B 5 -80.95 21.96 37.39
CA GLN B 6 -78.46 21.21 34.60
CA SER B 7 -78.91 18.75 31.81
CA PRO B 8 -77.01 16.50 31.13
CA SER B 9 -74.64 15.51 33.91
CA SER B 10 -72.01 14.21 31.43
CA LEU B 11 -71.34 14.36 27.71
CA SER B 12 -68.49 13.02 25.56
CA ALA B 13 -68.13 14.62 22.12
CA SER B 14 -65.40 14.82 19.48
CA VAL B 15 -63.47 17.99 18.76
CA GLY B 16 -65.32 20.11 16.21
CA ASP B 17 -68.69 19.02 17.58
CA ARG B 18 -71.21 21.55 18.78
CA VAL B 19 -72.39 20.92 22.36
CA ASN B 20 -75.38 22.48 24.18
CA ILE B 21 -75.84 22.26 28.04
CA ALA B 22 -79.22 23.27 29.51
CA CYS B 23 -79.97 24.82 32.91
CA ARG B 24 -83.49 25.28 34.34
CA ALA B 25 -84.47 27.71 37.02
CA SER B 26 -87.36 26.35 39.20
CA GLN B 27 -88.93 29.81 38.58
CA GLY B 28 -88.24 32.96 36.52
CA ILE B 29 -84.89 34.72 36.96
CA SER B 30 -85.04 37.05 33.94
CA SER B 31 -81.41 37.17 32.69
CA ALA B 32 -79.60 36.71 35.99
CA LEU B 33 -77.62 33.70 35.05
CA ALA B 34 -73.82 33.32 34.90
CA TRP B 35 -71.92 30.21 33.51
CA TYR B 36 -68.53 28.98 34.94
CA GLN B 37 -65.89 26.63 33.65
CA GLN B 38 -63.93 24.63 36.27
CA LYS B 39 -60.97 22.55 35.18
CA PRO B 40 -60.52 19.74 37.67
CA GLY B 41 -58.64 21.03 40.71
CA LYS B 42 -58.91 24.72 40.03
CA ALA B 43 -60.89 27.69 40.90
CA PRO B 44 -64.01 28.18 38.71
CA ARG B 45 -63.79 30.76 35.84
CA LEU B 46 -66.45 33.12 34.52
CA LEU B 47 -67.44 32.62 30.88
CA ILE B 48 -70.84 34.29 30.56
CA TYR B 49 -72.85 36.72 32.79
CA ASP B 50 -76.42 38.11 32.26
CA ALA B 51 -77.30 34.91 30.29
CA SER B 52 -75.51 36.02 27.14
CA ASN B 53 -72.58 38.45 27.74
CA LEU B 54 -69.09 36.88 27.26
CA GLU B 55 -66.57 37.92 29.83
CA SER B 56 -63.47 39.67 28.31
CA GLY B 57 -60.82 37.18 27.05
CA VAL B 58 -63.25 34.15 26.74
CA PRO B 59 -63.08 32.51 23.27
CA SER B 60 -65.74 33.48 20.79
CA ARG B 61 -66.85 29.78 20.49
CA PHE B 62 -68.71 30.06 23.82
CA SER B 63 -72.22 31.60 23.66
CA GLY B 64 -75.25 31.55 26.01
CA SER B 65 -78.98 32.09 25.56
CA GLY B 66 -82.27 32.00 27.49
CA SER B 67 -84.46 34.21 29.60
CA GLY B 68 -86.99 33.43 32.29
CA THR B 69 -86.46 29.83 33.21
CA ASP B 70 -84.47 27.99 30.46
CA PHE B 71 -80.87 28.82 29.57
CA THR B 72 -78.37 27.17 27.09
CA LEU B 73 -74.59 27.37 26.91
CA THR B 74 -73.28 26.35 23.40
CA ILE B 75 -69.63 25.51 22.62
CA SER B 76 -69.68 25.72 18.84
CA SER B 77 -66.49 23.76 17.99
CA LEU B 78 -65.33 21.70 20.96
CA GLN B 79 -61.59 21.84 21.50
CA PRO B 80 -59.37 19.50 23.89
CA GLU B 81 -58.82 22.35 26.28
CA ASP B 82 -62.60 22.50 26.83
CA PHE B 83 -62.54 19.44 29.12
CA ALA B 84 -64.07 20.76 32.35
CA ILE B 85 -67.17 20.76 34.59
CA TYR B 86 -69.52 23.63 33.63
CA TYR B 87 -71.92 25.32 36.24
CA CYS B 88 -74.74 27.79 35.99
CA GLN B 89 -75.53 30.08 38.92
CA GLN B 90 -78.59 32.40 39.47
CA PHE B 91 -78.30 35.83 41.16
CA ASN B 92 -81.88 36.93 41.03
CA SER B 93 -82.60 35.80 44.60
CA TYR B 94 -80.74 35.05 47.82
CA PRO B 95 -79.44 32.30 48.57
CA LEU B 96 -77.50 32.50 45.36
CA THR B 97 -77.55 28.96 43.93
CA PHE B 98 -75.55 26.79 41.55
CA GLY B 99 -76.59 24.01 39.30
CA GLY B 100 -75.16 20.51 39.70
CA GLY B 101 -72.55 20.49 36.84
CA THR B 102 -72.14 19.08 33.36
CA LYS B 103 -68.80 17.28 32.91
CA VAL B 104 -67.62 17.42 29.30
CA GLU B 105 -65.06 14.72 28.32
CA ILE B 106 -63.37 14.70 24.83
CA LYS B 107 -63.78 11.64 22.48
CA ARG B 108 -60.70 10.71 20.41
CA THR B 109 -58.93 7.74 18.73
CA VAL B 110 -57.59 4.80 20.80
CA ALA B 111 -54.09 5.18 22.11
CA ALA B 112 -52.27 2.24 23.63
CA PRO B 113 -50.45 2.83 26.88
CA SER B 114 -46.72 2.93 27.57
CA VAL B 115 -46.18 0.63 30.57
CA PHE B 116 -43.49 1.01 33.22
CA ILE B 117 -42.83 -0.91 36.45
CA PHE B 118 -40.78 0.31 39.43
CA PRO B 119 -39.29 -1.81 42.29
CA PRO B 120 -39.39 -0.65 46.01
CA SER B 121 -36.61 1.80 46.80
CA ASP B 122 -33.93 0.87 49.32
CA GLU B 123 -34.87 3.28 52.04
CA GLN B 124 -38.44 2.18 51.70
CA LEU B 125 -37.53 -1.49 52.46
CA LYS B 126 -35.58 -0.01 55.46
CA SER B 127 -39.02 0.96 56.98
CA GLY B 128 -40.29 -2.61 56.67
CA THR B 129 -42.68 -1.92 53.63
CA ALA B 130 -42.43 -2.33 49.89
CA SER B 131 -44.53 -0.48 47.29
CA VAL B 132 -44.27 -1.70 43.69
CA VAL B 133 -45.69 0.75 41.07
CA CYS B 134 -46.89 -0.01 37.54
CA LEU B 135 -47.46 3.03 35.26
CA LEU B 136 -49.66 3.08 32.17
CA ASN B 137 -48.91 6.38 30.47
CA ASN B 138 -51.02 8.24 27.98
CA PHE B 139 -53.87 6.18 26.72
CA TYR B 140 -57.42 6.48 25.39
CA PRO B 141 -60.23 5.22 26.24
CA ARG B 142 -59.89 5.24 30.05
CA GLU B 143 -60.79 1.57 30.59
CA ALA B 144 -57.74 -0.67 31.16
CA LYS B 145 -57.06 -3.68 33.45
CA VAL B 146 -53.87 -4.12 35.55
CA GLN B 147 -53.16 -7.54 37.04
CA TRP B 148 -50.31 -8.23 39.44
CA LYS B 149 -48.65 -11.63 39.53
CA VAL B 150 -45.91 -12.43 42.08
CA ASP B 151 -44.12 -15.75 41.37
CA ASN B 152 -45.89 -16.06 38.06
CA ALA B 153 -49.66 -16.74 38.18
CA LEU B 154 -49.91 -16.17 41.94
CA GLN B 155 -51.79 -13.12 40.89
CA SER B 156 -52.89 -10.91 43.69
CA GLY B 157 -55.77 -8.76 45.18
CA ASN B 158 -53.90 -6.05 47.41
CA SER B 159 -53.34 -3.07 45.03
CA GLN B 160 -54.76 0.44 44.67
CA GLU B 161 -55.19 2.53 41.49
CA SER B 162 -55.21 6.22 40.58
CA VAL B 163 -56.16 7.71 37.17
CA THR B 164 -55.46 11.28 36.19
CA GLU B 165 -58.15 13.53 34.56
CA GLN B 166 -58.12 14.02 30.76
CA ASP B 167 -55.16 15.96 29.46
CA SER B 168 -56.19 19.25 27.83
CA LYS B 169 -53.60 18.84 25.09
CA ASP B 170 -54.00 15.25 23.82
CA SER B 171 -57.09 13.90 25.64
CA THR B 172 -55.39 10.92 27.30
CA TYR B 173 -55.35 9.44 30.80
CA SER B 174 -52.46 7.95 32.74
CA LEU B 175 -52.89 5.39 35.56
CA SER B 176 -50.82 3.96 38.47
CA SER B 177 -51.32 0.75 40.32
CA THR B 178 -49.45 0.40 43.62
CA LEU B 179 -49.00 -3.05 45.08
CA THR B 180 -48.05 -2.85 48.75
CA LEU B 181 -46.59 -5.69 50.74
CA SER B 182 -44.40 -5.93 53.84
CA LYS B 183 -40.52 -6.15 53.52
CA ALA B 184 -40.81 -9.84 54.61
CA ASP B 185 -43.51 -10.62 52.04
CA TYR B 186 -41.52 -9.00 49.29
CA GLU B 187 -38.34 -10.88 50.48
CA LYS B 188 -39.85 -14.20 49.73
CA HIS B 189 -40.87 -13.89 46.13
CA LYS B 190 -38.68 -13.09 43.08
CA VAL B 191 -40.71 -12.39 39.85
CA TYR B 192 -42.95 -9.32 40.23
CA ALA B 193 -45.09 -8.54 37.18
CA CYS B 194 -47.68 -6.06 35.93
CA GLU B 195 -49.98 -7.38 33.14
CA VAL B 196 -51.98 -4.81 31.16
CA THR B 197 -55.08 -5.13 29.03
CA HIS B 198 -56.39 -2.19 27.00
CA GLN B 199 -58.08 -1.82 23.57
CA GLY B 200 -55.09 -0.27 21.73
CA LEU B 201 -52.73 -3.17 22.49
CA SER B 202 -52.76 -6.31 20.27
CA SER B 203 -51.76 -8.56 23.16
CA PRO B 204 -51.74 -8.13 27.01
CA VAL B 205 -48.46 -6.48 28.02
CA THR B 206 -46.26 -7.64 30.93
CA LYS B 207 -43.48 -5.71 32.63
CA SER B 208 -41.62 -7.82 35.20
CA PHE B 209 -38.51 -7.62 37.31
CA ASN B 210 -36.54 -9.99 39.47
CA ARG B 211 -36.03 -9.22 43.18
CA GLY B 212 -32.25 -8.60 43.11
CA GLU B 213 -31.93 -5.74 40.48
CA CYS B 214 -28.58 -4.20 39.28
CA GLN C 1 67.15 -78.31 -42.51
CA VAL C 2 63.42 -78.91 -43.24
CA LYS C 3 64.21 -81.36 -40.46
CA LEU C 4 67.48 -83.43 -40.88
CA LEU C 5 65.99 -86.93 -41.24
CA GLU C 6 62.23 -86.67 -42.21
CA GLN C 7 59.72 -89.47 -42.69
CA SER C 8 56.54 -90.14 -44.75
CA GLY C 9 53.36 -89.85 -42.59
CA ALA C 10 50.97 -92.55 -41.42
CA GLU C 11 49.22 -95.16 -42.58
CA VAL C 12 46.53 -97.70 -42.24
CA LYS C 13 47.05 -100.96 -44.11
CA LYS C 14 44.81 -104.04 -44.21
CA PRO C 15 46.27 -107.31 -42.67
CA GLY C 16 48.16 -109.15 -45.50
CA ALA C 17 49.14 -105.92 -47.33
CA SER C 18 52.59 -104.28 -47.56
CA VAL C 19 53.68 -100.81 -46.34
CA LYS C 20 56.55 -98.66 -47.69
CA VAL C 21 57.99 -96.05 -45.29
CA SER C 22 60.47 -93.39 -46.58
CA CYS C 23 63.16 -91.36 -44.82
CA LYS C 24 64.58 -88.27 -46.63
CA ALA C 25 68.02 -87.04 -45.39
CA SER C 26 68.68 -83.24 -45.66
CA GLY C 27 71.71 -81.08 -44.59
CA TYR C 28 74.44 -83.80 -44.35
CA SER C 29 76.22 -85.92 -47.05
CA PHE C 30 73.74 -88.85 -47.50
CA THR C 31 76.24 -91.49 -48.88
CA SER C 32 78.78 -91.02 -45.99
CA TYR C 33 76.53 -92.69 -43.30
CA GLY C 34 74.31 -95.74 -42.80
CA LEU C 35 70.64 -95.56 -41.72
CA HIS C 36 69.12 -97.88 -39.09
CA TRP C 37 65.36 -98.81 -38.95
CA VAL C 38 63.73 -99.27 -35.51
CA ARG C 39 60.09 -99.77 -34.43
CA GLN C 40 58.11 -99.24 -31.22
CA ALA C 41 54.83 -101.16 -30.79
CA PRO C 42 52.35 -99.57 -28.27
CA GLY C 43 53.58 -99.93 -24.64
CA GLN C 44 56.66 -101.86 -25.79
CA ARG C 45 60.41 -101.39 -26.04
CA LEU C 46 62.17 -100.27 -29.22
CA GLU C 47 63.02 -103.14 -31.58
CA TRP C 48 65.87 -102.93 -34.11
CA MET C 49 64.77 -104.15 -37.62
CA GLY C 50 67.72 -103.48 -39.97
CA TRP C 51 70.34 -101.12 -41.44
CA ILE C 52 71.31 -99.88 -44.95
CA SER C 53 74.65 -98.32 -46.07
CA ALA C 54 73.64 -95.26 -48.24
CA GLY C 55 76.98 -95.50 -50.16
CA THR C 56 76.98 -99.24 -51.21
CA GLY C 57 73.24 -100.14 -50.82
CA ASN C 58 74.32 -103.09 -48.54
CA THR C 59 71.87 -104.46 -46.10
CA LYS C 60 71.74 -106.03 -42.63
CA TYR C 61 68.57 -107.09 -40.83
CA SER C 62 67.02 -108.77 -37.79
CA GLN C 63 66.14 -112.44 -38.51
CA LYS C 64 62.81 -111.78 -36.69
CA PHE C 65 61.81 -110.09 -40.06
CA ARG C 66 63.48 -112.79 -42.28
CA GLY C 67 61.75 -113.00 -45.67
CA ARG C 68 59.39 -109.97 -45.22
CA VAL C 69 61.56 -106.79 -44.80
CA THR C 70 63.36 -104.93 -47.70
CA PHE C 71 65.71 -101.85 -47.48
CA THR C 72 66.35 -99.58 -50.50
CA ARG C 73 68.02 -96.15 -50.99
CA ASP C 74 67.51 -93.65 -53.84
CA THR C 75 70.94 -92.00 -53.71
CA SER C 76 69.93 -89.12 -56.11
CA ALA C 77 66.71 -88.17 -54.15
CA THR C 78 68.68 -88.79 -50.90
CA THR C 79 65.88 -91.00 -49.50
CA ALA C 80 66.01 -94.47 -47.90
CA TYR C 81 62.95 -96.78 -47.72
CA MET C 82 61.89 -99.82 -45.76
CA GLY C 83 59.30 -102.20 -47.25
CA LEU C 84 57.40 -104.47 -44.78
CA SER C 85 55.29 -107.27 -46.39
CA SER C 86 52.58 -109.66 -45.06
CA LEU C 87 51.32 -107.18 -42.46
CA ARG C 88 49.86 -108.64 -39.26
CA PRO C 89 47.90 -106.63 -36.57
CA GLU C 90 51.05 -106.77 -34.29
CA ASP C 91 52.98 -104.66 -36.88
CA THR C 92 50.92 -101.64 -35.60
CA ALA C 93 53.85 -99.53 -34.35
CA VAL C 94 55.81 -96.30 -34.89
CA TYR C 95 58.61 -96.89 -37.47
CA TYR C 96 61.70 -94.71 -37.04
CA CYS C 97 64.73 -94.35 -39.25
CA ALA C 98 67.84 -93.26 -37.30
CA ARG C 99 71.38 -92.37 -38.38
CA ASP C 100 74.52 -94.53 -37.95
CA PRO C 101 77.24 -91.82 -37.25
CA TYR C 102 80.06 -94.05 -38.67
CA GLY C 103 78.61 -96.03 -41.67
CA GLY C 104 79.60 -99.49 -40.25
CA GLY C 105 76.22 -100.96 -39.11
CA LYS C 106 76.85 -101.39 -35.37
CA SER C 107 76.50 -98.07 -33.56
CA GLU C 108 74.49 -95.84 -31.24
CA PHE C 109 72.02 -93.67 -33.31
CA ASP C 110 72.73 -89.87 -33.16
CA TYR C 111 69.80 -88.43 -35.32
CA TRP C 112 66.31 -89.92 -35.41
CA GLY C 113 63.50 -89.33 -37.88
CA GLN C 114 60.12 -88.34 -36.34
CA GLY C 115 58.33 -91.72 -36.75
CA THR C 116 55.48 -92.94 -38.97
CA LEU C 117 52.67 -94.83 -37.30
CA VAL C 118 51.50 -97.77 -39.45
CA THR C 119 48.22 -99.18 -38.18
CA VAL C 120 47.25 -102.65 -39.48
CA SER C 121 43.39 -102.95 -39.56
CA SER C 122 40.18 -104.08 -41.38
CA ALA C 123 37.76 -102.56 -38.74
CA SER C 124 37.16 -99.75 -41.19
CA PRO C 125 39.20 -96.48 -41.38
CA THR C 126 37.05 -93.40 -40.42
CA SER C 127 38.10 -89.69 -40.61
CA PRO C 128 37.51 -87.41 -37.52
CA LYS C 129 34.56 -84.98 -37.34
CA VAL C 130 35.77 -81.78 -35.63
CA PHE C 131 33.32 -79.88 -33.35
CA PRO C 132 33.77 -76.53 -31.50
CA LEU C 133 33.80 -76.37 -27.68
CA SER C 134 32.89 -72.75 -26.74
CA LEU C 135 30.83 -70.92 -24.03
CA CYS C 136 28.77 -67.69 -24.38
CA SER C 137 28.62 -66.16 -20.80
CA THR C 138 28.84 -69.67 -19.14
CA GLN C 139 32.63 -69.45 -18.34
CA PRO C 140 33.99 -67.48 -15.26
CA ASP C 141 34.75 -63.70 -15.76
CA GLY C 142 38.57 -63.43 -16.34
CA ASN C 143 39.94 -66.50 -18.24
CA VAL C 144 38.59 -68.24 -21.42
CA VAL C 145 38.62 -72.02 -22.21
CA ILE C 146 37.84 -72.99 -25.83
CA ALA C 147 38.45 -76.36 -27.48
CA CYS C 148 38.02 -78.71 -30.46
CA LEU C 149 36.41 -82.16 -30.03
CA VAL C 150 38.11 -84.49 -32.66
CA GLN C 151 35.42 -87.19 -32.79
CA GLY C 152 34.85 -90.72 -34.19
CA PHE C 153 38.09 -91.64 -35.97
CA PHE C 154 39.95 -94.94 -36.62
CA PRO C 155 42.72 -95.87 -36.44
CA GLN C 156 44.46 -93.72 -33.71
CA GLU C 157 47.52 -92.55 -35.84
CA PRO C 158 49.54 -89.30 -35.13
CA LEU C 159 47.13 -86.36 -34.62
CA SER C 160 48.84 -82.92 -35.07
CA VAL C 161 46.71 -80.22 -33.34
CA THR C 162 47.89 -76.60 -33.63
CA TRP C 163 46.00 -73.40 -32.53
CA SER C 164 46.16 -69.94 -34.34
CA GLU C 165 47.07 -68.02 -31.10
CA SER C 166 50.34 -68.68 -29.11
CA GLY C 167 51.89 -66.75 -26.15
CA GLN C 168 53.12 -66.67 -22.49
CA GLY C 169 49.72 -67.11 -20.71
CA VAL C 170 48.01 -69.14 -23.53
CA THR C 171 48.16 -72.88 -22.56
CA ALA C 172 47.37 -75.72 -25.03
CA ARG C 173 46.37 -79.17 -23.63
CA ASN C 174 46.17 -82.07 -26.13
CA PHE C 175 44.22 -84.93 -24.40
CA PRO C 176 45.41 -88.49 -25.49
CA PRO C 177 43.00 -90.62 -27.67
CA SER C 178 40.25 -92.48 -25.71
CA GLN C 179 38.70 -95.60 -27.30
CA ASP C 180 34.87 -96.23 -27.34
CA ALA C 181 33.94 -99.98 -26.68
CA SER C 182 35.85 -102.83 -28.54
CA GLY C 183 38.02 -100.81 -31.02
CA ASP C 184 34.90 -99.09 -32.58
CA LEU C 185 35.87 -95.33 -32.60
CA TYR C 186 38.58 -93.08 -31.00
CA THR C 187 37.87 -89.51 -29.65
CA THR C 188 40.45 -86.83 -28.55
CA SER C 189 39.88 -83.24 -27.30
CA SER C 190 42.34 -80.28 -27.77
CA GLN C 191 41.85 -77.39 -25.25
CA LEU C 192 43.20 -73.76 -25.41
CA THR C 193 43.13 -71.85 -22.05
CA LEU C 194 43.91 -68.06 -22.51
CA PRO C 195 43.12 -64.72 -20.68
CA ALA C 196 39.68 -63.10 -21.52
CA THR C 197 41.51 -59.88 -22.69
CA GLN C 198 43.30 -62.10 -25.33
CA CYS C 199 39.99 -63.80 -26.46
CA LEU C 200 37.28 -61.04 -26.63
CA ALA C 201 33.53 -61.58 -27.54
CA GLY C 202 32.93 -61.63 -31.37
CA LYS C 203 36.54 -62.85 -32.09
CA SER C 204 37.64 -66.46 -32.94
CA VAL C 205 40.74 -68.78 -32.66
CA THR C 206 41.42 -71.40 -35.40
CA CYS C 207 42.21 -75.03 -34.46
CA HIS C 208 44.24 -76.90 -37.18
CA VAL C 209 43.93 -80.73 -37.03
CA LYS C 210 46.14 -83.05 -39.13
CA HIS C 211 45.22 -86.79 -38.94
CA TYR C 212 48.23 -88.88 -40.48
CA THR C 213 49.33 -87.71 -43.98
CA ASN C 214 45.77 -86.47 -44.78
CA PRO C 215 44.99 -82.74 -45.58
CA SER C 216 44.60 -80.33 -42.59
CA GLN C 217 41.03 -79.92 -41.19
CA ASP C 218 40.51 -76.35 -39.86
CA VAL C 219 37.77 -75.07 -37.48
CA THR C 220 37.20 -71.44 -36.42
CA VAL C 221 36.26 -71.64 -32.68
CA PRO C 222 34.52 -68.55 -31.04
CA CYS C 223 35.35 -66.47 -27.77
CA PRO C 224 32.80 -64.79 -25.32
CA VAL C 225 29.56 -63.02 -24.71
CA PRO C 226 30.10 -61.59 -21.05
CA SER C 227 28.44 -59.84 -17.84
CA THR C 228 28.35 -59.00 -13.88
CA PRO C 229 27.18 -57.28 -10.55
CA PRO C 230 25.19 -56.05 -7.27
CA THR C 231 24.33 -53.69 -4.12
CA PRO C 232 23.18 -53.08 -0.28
CA SER C 233 21.28 -51.00 2.61
CA PRO C 234 21.04 -49.19 6.21
CA SER C 235 18.96 -48.47 9.57
CA THR C 236 16.78 -46.06 11.92
CA PRO C 237 16.14 -44.98 15.70
CA PRO C 238 12.90 -45.05 17.95
CA THR C 239 10.88 -41.69 17.76
CA PRO C 240 7.56 -40.66 19.74
CA SER C 241 4.02 -40.20 19.77
CA PRO C 242 0.49 -42.16 18.98
CA SER C 243 -3.25 -42.87 18.10
CA CYS C 244 -5.20 -42.47 15.78
CA CYS C 245 -5.65 -39.44 18.08
CA HIS C 246 -3.48 -36.78 19.92
CA PRO C 247 -4.98 -33.24 20.69
CA ARG C 248 -2.87 -30.46 19.01
CA LEU C 249 -3.92 -26.71 18.87
CA SER C 250 -2.47 -24.72 15.87
CA LEU C 251 -2.91 -21.02 14.84
CA HIS C 252 -2.32 -20.25 11.10
CA ARG C 253 -1.78 -16.43 10.52
CA PRO C 254 -3.35 -14.26 7.68
CA ALA C 255 -1.36 -13.94 4.36
CA LEU C 256 0.58 -10.65 3.63
CA GLU C 257 -0.58 -10.09 -0.03
CA ASP C 258 -4.37 -10.59 0.74
CA LEU C 259 -4.42 -8.31 3.88
CA LEU C 260 -2.52 -5.50 1.97
CA LEU C 261 -4.47 -5.73 -1.38
CA GLY C 262 -8.15 -5.14 -0.36
CA SER C 263 -8.18 -5.80 3.49
CA GLU C 264 -8.67 -9.64 3.25
CA ALA C 265 -7.25 -11.34 6.44
CA ASN C 266 -8.47 -14.44 8.37
CA LEU C 267 -6.72 -15.77 11.50
CA THR C 268 -7.40 -19.52 11.49
CA CYS C 269 -7.71 -21.76 14.58
CA THR C 270 -7.21 -25.53 14.11
CA LEU C 271 -7.73 -28.18 16.87
CA THR C 272 -6.05 -31.44 15.76
CA GLY C 273 -6.04 -34.50 18.13
CA LEU C 274 -9.53 -34.44 19.82
CA ARG C 275 -10.27 -38.24 20.39
CA ASP C 276 -13.65 -40.14 19.90
CA ALA C 277 -17.17 -38.89 21.08
CA SER C 278 -16.23 -35.20 21.36
CA GLY C 279 -16.83 -31.43 20.64
CA VAL C 280 -14.72 -28.19 20.83
CA THR C 281 -15.89 -24.76 22.19
CA PHE C 282 -14.11 -21.69 20.78
CA THR C 283 -13.60 -18.23 22.46
CA TRP C 284 -12.05 -15.57 20.09
CA THR C 285 -11.10 -11.95 21.12
CA PRO C 286 -12.83 -9.31 18.82
CA SER C 287 -10.79 -7.23 16.26
CA SER C 288 -10.25 -3.47 17.03
CA GLY C 289 -13.52 -2.03 15.50
CA LYS C 290 -15.75 -4.18 17.87
CA SER C 291 -15.90 -7.26 15.52
CA ALA C 292 -16.08 -11.02 16.45
CA VAL C 293 -17.40 -13.41 13.69
CA GLN C 294 -16.72 -17.25 13.59
CA GLY C 295 -17.63 -20.51 11.64
CA PRO C 296 -16.57 -23.87 13.27
CA PRO C 297 -17.10 -27.27 11.44
CA GLU C 298 -15.90 -30.70 12.83
CA ARG C 299 -13.74 -32.62 10.28
CA ASP C 300 -12.43 -36.21 10.94
CA LEU C 301 -8.74 -36.11 9.70
CA CYS C 302 -6.52 -39.32 9.79
CA GLY C 303 -9.16 -41.02 12.01
CA CYS C 304 -10.05 -38.24 14.59
CA TYR C 305 -12.02 -34.89 14.88
CA SER C 306 -10.60 -31.38 14.08
CA VAL C 307 -12.62 -28.19 15.04
CA SER C 308 -11.28 -25.61 12.59
CA SER C 309 -12.79 -22.18 13.27
CA VAL C 310 -11.94 -18.93 11.36
CA LEU C 311 -12.12 -15.23 12.44
CA PRO C 312 -12.29 -12.72 9.47
CA GLY C 313 -10.21 -9.52 10.12
CA CYS C 314 -9.50 -6.04 8.70
CA ALA C 315 -6.05 -4.57 7.70
CA GLU C 316 -5.96 -1.81 10.45
CA PRO C 317 -5.91 -4.15 13.60
CA TRP C 318 -3.10 -6.28 11.96
CA ASN C 319 -1.04 -3.19 10.76
CA HIS C 320 -1.46 -1.07 14.01
CA GLY C 321 -0.88 -3.89 16.62
CA LYS C 322 -3.77 -6.15 17.85
CA THR C 323 -3.46 -9.46 19.84
CA PHE C 324 -5.77 -12.26 18.51
CA THR C 325 -6.54 -14.93 21.13
CA CYS C 326 -8.16 -18.28 20.24
CA THR C 327 -9.12 -19.91 23.56
CA ALA C 328 -10.54 -23.42 23.15
CA ALA C 329 -12.34 -25.41 25.96
CA TYR C 330 -12.93 -29.25 26.07
CA PRO C 331 -13.62 -31.53 29.19
CA GLU C 332 -10.71 -34.02 28.54
CA SER C 333 -8.33 -30.96 28.16
CA LYS C 334 -8.18 -30.02 31.93
CA THR C 335 -6.56 -26.58 31.13
CA PRO C 336 -8.54 -24.79 28.28
CA LEU C 337 -5.89 -23.91 25.60
CA THR C 338 -5.26 -20.24 24.83
CA ALA C 339 -3.15 -19.30 21.73
CA THR C 340 -2.52 -15.57 20.99
CA LEU C 341 -1.16 -14.00 17.78
CA SER C 342 -0.18 -10.43 16.57
CA LYS C 343 2.44 -8.35 14.57
CA SER C 344 6.25 -8.59 15.22
CA GLY C 345 8.90 -6.50 17.16
CA ASN C 346 9.76 -2.76 17.67
CA THR C 347 9.66 -0.35 14.63
CA PHE C 348 12.55 1.19 12.52
CA ARG C 349 12.30 3.90 9.72
CA PRO C 350 13.23 2.57 6.17
CA GLU C 351 16.21 4.29 4.51
CA VAL C 352 15.25 4.60 0.77
CA HIS C 353 18.15 5.19 -1.73
CA LEU C 354 17.46 5.18 -5.52
CA LEU C 355 20.31 3.80 -7.70
CA PRO C 356 20.66 4.61 -11.46
CA PRO C 357 21.82 1.87 -13.93
CA PRO C 358 25.47 0.76 -14.28
CA SER C 359 27.49 2.24 -17.23
CA GLU C 360 27.80 -1.27 -18.84
CA GLU C 361 23.95 -1.81 -18.78
CA LEU C 362 23.62 1.25 -21.13
CA ALA C 363 25.24 -1.07 -23.77
CA LEU C 364 21.87 -2.98 -23.40
CA ASN C 365 18.56 -1.72 -24.98
CA GLU C 366 14.95 -2.92 -24.13
CA LEU C 367 15.23 -2.75 -20.28
CA VAL C 368 17.31 -0.28 -18.13
CA THR C 369 17.60 -1.49 -14.57
CA LEU C 370 16.35 1.26 -12.16
CA THR C 371 17.00 0.08 -8.58
CA CYS C 372 15.72 1.33 -5.21
CA LEU C 373 17.23 -0.03 -1.96
CA ALA C 374 14.94 0.06 1.14
CA ARG C 375 17.21 -0.84 4.11
CA GLY C 376 17.30 -0.84 7.97
CA PHE C 377 13.48 -1.24 8.32
CA SER C 378 11.33 -3.19 10.88
CA PRO C 379 8.97 -4.90 11.02
CA LYS C 380 9.26 -6.64 7.57
CA ASP C 381 5.83 -5.26 6.73
CA VAL C 382 6.31 -2.80 3.77
CA LEU C 383 4.84 -1.78 0.35
CA VAL C 384 7.09 -0.52 -2.46
CA ARG C 385 5.69 0.79 -5.81
CA TRP C 386 7.09 2.71 -8.82
CA LEU C 387 5.76 5.79 -10.67
CA GLN C 388 6.51 7.47 -14.04
CA GLY C 389 6.86 11.33 -13.92
CA SER C 390 6.75 11.69 -17.77
CA GLN C 391 3.11 10.32 -18.10
CA GLU C 392 1.90 11.10 -14.48
CA LEU C 393 1.05 7.37 -14.05
CA PRO C 394 2.02 4.21 -12.07
CA ARG C 395 4.48 1.81 -13.79
CA GLU C 396 4.23 -1.88 -14.81
CA LYS C 397 7.61 -3.54 -15.48
CA TYR C 398 8.93 -3.82 -11.91
CA LEU C 399 9.78 -6.68 -9.50
CA THR C 400 10.50 -6.56 -5.69
CA TRP C 401 12.59 -9.26 -3.84
CA ALA C 402 13.19 -9.86 -0.02
CA SER C 403 15.90 -10.11 2.78
CA ARG C 404 15.32 -10.41 6.61
CA GLN C 405 18.78 -9.80 8.27
CA GLU C 406 19.51 -11.94 11.43
CA PRO C 407 23.04 -13.18 12.47
CA SER C 408 24.21 -14.45 15.96
CA GLN C 409 24.31 -10.84 17.39
CA GLY C 410 21.59 -8.34 18.51
CA THR C 411 21.54 -6.71 15.01
CA THR C 412 18.19 -7.70 13.27
CA THR C 413 16.41 -5.37 10.68
CA PHE C 414 15.33 -5.98 6.97
CA ALA C 415 16.47 -4.93 3.48
CA VAL C 416 14.86 -5.22 -0.01
CA THR C 417 15.80 -4.14 -3.55
CA SER C 418 13.08 -3.20 -6.09
CA ILE C 419 13.89 -3.40 -9.83
CA LEU C 420 12.04 -1.14 -12.38
CA ARG C 421 13.05 -2.09 -15.95
CA VAL C 422 12.71 0.70 -18.63
CA ALA C 423 13.63 1.36 -22.30
CA ALA C 424 17.20 2.89 -22.53
CA GLU C 425 15.68 5.86 -24.48
CA ASP C 426 13.13 7.13 -21.83
CA TRP C 427 15.86 7.32 -19.12
CA LYS C 428 17.99 9.37 -21.64
CA LYS C 429 14.88 11.49 -22.61
CA GLY C 430 15.36 12.83 -19.02
CA ASP C 431 12.39 11.10 -17.37
CA THR C 432 11.90 11.15 -13.57
CA PHE C 433 10.95 7.75 -12.07
CA SER C 434 10.05 7.56 -8.34
CA CYS C 435 10.13 4.65 -5.89
CA MET C 436 7.29 5.07 -3.30
CA VAL C 437 7.79 3.22 0.03
CA GLY C 438 4.96 2.76 2.60
CA HIS C 439 5.89 1.59 6.11
CA GLU C 440 4.66 1.81 9.79
CA ALA C 441 7.64 4.05 10.82
CA LEU C 442 7.58 6.52 7.84
CA PRO C 443 6.53 10.19 8.62
CA LEU C 444 3.09 10.13 6.87
CA ALA C 445 3.31 6.28 6.46
CA PHE C 446 4.69 7.21 3.01
CA THR C 447 7.98 8.42 1.48
CA GLN C 448 9.01 8.73 -2.19
CA LYS C 449 12.63 9.01 -3.52
CA THR C 450 13.20 10.03 -7.18
CA ILE C 451 15.60 8.99 -10.05
CA ASP C 452 16.38 10.85 -13.33
CA ARG C 453 19.25 11.13 -15.92
CA LEU C 454 20.12 14.90 -16.38
CA ALA C 455 20.50 17.08 -13.05
CA GLY C 456 21.80 20.60 -14.49
CA LYS C 457 19.05 22.86 -16.24
CA PRO C 458 18.05 26.70 -16.86
CA THR C 459 14.33 26.03 -15.69
CA HIS C 460 11.63 26.53 -12.94
CA VAL C 461 8.26 28.47 -11.97
CA ASN C 462 9.35 31.46 -9.50
CA VAL C 463 7.03 32.98 -6.79
CA SER C 464 4.40 35.75 -7.96
CA VAL C 465 0.90 34.18 -7.73
CA VAL C 466 -1.58 36.90 -8.99
CA MET C 467 -4.68 37.17 -6.68
CA ALA C 468 -3.68 38.99 -3.15
CA GLU C 469 -0.07 38.02 -2.31
CA VAL C 470 1.63 39.65 -5.33
CA ASP C 471 5.43 39.27 -4.83
CA GLY C 472 5.23 38.70 -0.98
CA THR C 473 3.67 41.54 0.89
CA CYS C 474 2.29 44.93 -0.38
CA TYR C 475 4.74 47.53 1.07
CA GLN D 1 -50.23 40.93 41.17
CA VAL D 2 -48.81 38.28 43.56
CA LYS D 3 -52.13 36.83 42.45
CA LEU D 4 -55.17 39.26 42.50
CA LEU D 5 -57.27 37.59 45.24
CA GLU D 6 -55.05 35.22 47.35
CA GLN D 7 -56.08 32.95 50.23
CA SER D 8 -54.51 31.47 53.40
CA GLY D 9 -53.57 27.77 52.96
CA ALA D 10 -55.13 24.66 54.47
CA GLU D 11 -56.10 23.43 57.43
CA VAL D 12 -57.12 20.60 59.62
CA LYS D 13 -59.42 21.46 62.52
CA LYS D 14 -60.93 19.13 65.14
CA PRO D 15 -64.81 18.77 65.12
CA GLY D 16 -66.23 21.53 67.41
CA ALA D 17 -63.38 24.00 66.67
CA SER D 18 -63.48 27.19 64.56
CA VAL D 19 -61.51 28.03 61.37
CA LYS D 20 -60.57 31.51 60.07
CA VAL D 21 -59.86 31.79 56.33
CA SER D 22 -58.35 35.02 54.87
CA CYS D 23 -58.46 36.54 51.40
CA LYS D 24 -55.93 39.32 50.53
CA ALA D 25 -56.88 41.57 47.54
CA SER D 26 -53.92 42.99 45.48
CA GLY D 27 -53.86 45.20 42.30
CA TYR D 28 -57.42 46.71 42.44
CA SER D 29 -59.07 49.26 44.84
CA PHE D 30 -60.22 46.98 47.73
CA THR D 31 -63.05 49.25 49.12
CA SER D 32 -64.79 49.69 45.68
CA TYR D 33 -66.06 46.02 45.48
CA GLY D 34 -67.76 43.38 47.61
CA LEU D 35 -66.34 39.87 48.23
CA HIS D 36 -68.46 36.70 48.12
CA TRP D 37 -67.59 33.45 50.04
CA VAL D 38 -68.40 30.09 48.39
CA ARG D 39 -67.56 26.49 49.33
CA GLN D 40 -67.32 23.16 47.47
CA ALA D 41 -67.58 19.94 49.51
CA PRO D 42 -66.00 16.83 47.81
CA GLY D 43 -68.08 15.65 44.79
CA GLN D 44 -70.67 18.38 45.40
CA ARG D 45 -71.87 21.59 43.81
CA LEU D 46 -70.66 25.04 44.86
CA GLU D 47 -72.62 26.52 47.79
CA TRP D 48 -72.87 30.28 48.39
CA MET D 49 -72.20 31.18 52.10
CA GLY D 50 -72.16 35.00 52.28
CA TRP D 51 -70.90 38.40 51.07
CA ILE D 52 -69.12 41.43 52.63
CA SER D 53 -68.95 45.02 51.27
CA ALA D 54 -65.24 46.08 51.68
CA GLY D 55 -66.27 49.79 51.89
CA THR D 56 -69.02 49.66 54.63
CA GLY D 57 -68.22 46.28 56.34
CA ASN D 58 -71.91 45.26 55.77
CA THR D 59 -72.77 41.64 55.67
CA LYS D 60 -75.18 39.22 53.97
CA TYR D 61 -75.25 35.47 54.48
CA SER D 62 -76.98 32.17 53.73
CA GLN D 63 -79.37 31.17 56.56
CA LYS D 64 -77.94 27.59 56.22
CA PHE D 65 -74.96 29.07 58.25
CA ARG D 66 -77.20 31.14 60.65
CA GLY D 67 -75.45 31.69 63.99
CA ARG D 68 -72.04 30.15 63.03
CA VAL D 69 -70.51 32.24 60.16
CA THR D 70 -68.80 35.70 60.59
CA PHE D 71 -67.38 38.05 57.85
CA THR D 72 -64.77 40.72 58.64
CA ARG D 73 -62.53 43.01 56.52
CA ASP D 74 -59.25 44.72 57.53
CA THR D 75 -59.48 47.71 55.16
CA SER D 76 -55.82 48.86 55.85
CA ALA D 77 -54.26 45.36 55.21
CA THR D 78 -56.76 44.93 52.31
CA THR D 79 -57.79 41.46 53.57
CA ALA D 80 -61.27 39.96 54.15
CA TYR D 81 -61.86 36.98 56.49
CA MET D 82 -64.57 34.42 57.06
CA GLY D 83 -64.88 32.76 60.48
CA LEU D 84 -66.73 29.38 60.62
CA SER D 85 -67.57 28.08 64.15
CA SER D 86 -68.78 24.70 65.54
CA LEU D 87 -67.04 22.68 62.81
CA ARG D 88 -68.68 19.39 61.79
CA PRO D 89 -67.04 16.69 59.53
CA GLU D 90 -69.34 17.86 56.62
CA ASP D 91 -67.58 21.30 56.65
CA THR D 92 -64.60 19.50 54.94
CA ALA D 93 -64.58 21.52 51.71
CA VAL D 94 -62.61 24.02 49.60
CA TYR D 95 -63.49 27.62 50.69
CA TYR D 96 -63.21 30.26 47.96
CA CYS D 97 -63.52 33.99 48.17
CA ALA D 98 -64.67 35.56 44.86
CA ARG D 99 -65.16 39.17 43.76
CA ASP D 100 -68.51 41.00 43.29
CA PRO D 101 -67.72 43.28 40.22
CA TYR D 102 -70.33 45.91 41.29
CA GLY D 103 -70.31 46.09 45.17
CA GLY D 104 -74.10 45.39 45.53
CA GLY D 105 -74.18 41.75 46.84
CA LYS D 106 -76.10 40.01 44.02
CA SER D 107 -73.80 39.35 41.07
CA GLU D 108 -71.82 36.86 38.99
CA PHE D 109 -68.23 36.51 40.40
CA ASP D 110 -65.46 37.73 38.01
CA TYR D 111 -62.23 36.93 40.04
CA TRP D 112 -61.86 33.92 42.33
CA GLY D 113 -59.28 33.21 45.02
CA GLN D 114 -57.47 29.83 44.73
CA GLY D 115 -59.32 27.99 47.54
CA THR D 116 -58.30 26.76 51.01
CA LEU D 117 -59.17 23.21 51.91
CA VAL D 118 -60.35 22.94 55.53
CA THR D 119 -60.48 19.32 56.68
CA VAL D 120 -62.47 18.62 59.87
CA SER D 121 -60.96 15.55 61.67
CA SER D 122 -59.85 13.82 64.93
CA ALA D 123 -58.39 10.68 63.15
CA SER D 124 -54.98 12.15 63.76
CA PRO D 125 -53.11 14.52 61.34
CA THR D 126 -49.93 12.87 59.89
CA SER D 127 -47.26 14.53 57.63
CA PRO D 128 -46.16 12.75 54.38
CA LYS D 129 -42.88 10.76 54.18
CA VAL D 130 -41.36 11.37 50.73
CA PHE D 131 -39.46 8.49 49.02
CA PRO D 132 -37.52 8.44 45.70
CA LEU D 133 -38.69 6.29 42.76
CA SER D 134 -35.59 5.73 40.53
CA LEU D 135 -34.09 2.89 38.39
CA CYS D 136 -30.37 2.09 37.79
CA SER D 137 -30.25 0.21 34.37
CA THR D 138 -33.80 -1.26 34.90
CA GLN D 139 -35.60 1.35 32.63
CA PRO D 140 -35.61 1.04 28.75
CA ASP D 141 -32.65 2.67 26.82
CA GLY D 142 -33.95 6.09 25.55
CA ASN D 143 -36.46 7.67 28.02
CA VAL D 144 -36.24 8.08 31.85
CA VAL D 145 -39.10 7.82 34.42
CA ILE D 146 -38.33 9.10 37.95
CA ALA D 147 -40.83 9.87 40.70
CA CYS D 148 -41.57 10.78 44.33
CA LEU D 149 -43.86 8.59 46.49
CA VAL D 150 -45.66 10.99 48.97
CA GLN D 151 -46.65 8.40 51.60
CA GLY D 152 -48.83 8.06 54.73
CA PHE D 153 -50.45 11.48 55.21
CA PHE D 154 -53.79 12.69 56.67
CA PRO D 155 -55.86 14.61 55.90
CA GLN D 156 -55.79 14.83 52.01
CA GLU D 157 -55.47 18.72 51.73
CA PRO D 158 -53.92 20.55 48.66
CA LEU D 159 -50.58 18.91 47.72
CA SER D 160 -48.35 21.20 45.55
CA VAL D 161 -45.74 19.05 43.71
CA THR D 162 -43.18 20.87 41.54
CA TRP D 163 -40.05 19.36 39.81
CA SER D 164 -36.66 21.19 39.27
CA GLU D 165 -36.57 20.42 35.47
CA SER D 166 -39.25 21.76 33.00
CA GLY D 167 -39.36 21.66 29.14
CA GLN D 168 -41.08 20.56 25.86
CA GLY D 169 -40.52 16.74 26.16
CA VAL D 170 -40.48 16.61 30.05
CA THR D 171 -43.97 15.44 31.22
CA ALA D 172 -45.14 15.68 34.88
CA ARG D 173 -48.00 13.40 36.06
CA ASN D 174 -49.47 14.11 39.53
CA PHE D 175 -51.55 11.01 40.54
CA PRO D 176 -54.65 11.88 42.75
CA PRO D 177 -54.61 10.81 46.48
CA SER D 178 -55.57 7.13 47.13
CA GLN D 179 -56.93 6.21 50.59
CA ASP D 180 -55.72 3.06 52.54
CA ALA D 181 -58.62 1.22 54.38
CA SER D 182 -61.21 3.25 56.48
CA GLY D 183 -59.67 6.79 56.38
CA ASP D 184 -56.32 5.55 57.92
CA LEU D 185 -53.64 7.07 55.56
CA TYR D 186 -53.53 8.73 52.06
CA THR D 187 -50.72 8.09 49.48
CA THR D 188 -50.03 10.03 46.19
CA SER D 189 -47.22 9.55 43.61
CA SER D 190 -45.73 12.35 41.38
CA GLN D 191 -43.96 11.08 38.19
CA LEU D 192 -41.51 12.96 35.85
CA THR D 193 -41.04 11.34 32.36
CA LEU D 194 -38.10 12.98 30.39
CA PRO D 195 -35.59 11.94 27.60
CA ALA D 196 -32.43 10.01 28.78
CA THR D 197 -30.19 12.76 27.21
CA GLN D 198 -31.93 15.28 29.61
CA CYS D 199 -31.47 12.96 32.70
CA LEU D 200 -27.92 11.44 32.48
CA ALA D 201 -26.37 8.89 34.98
CA GLY D 202 -24.86 10.60 38.10
CA LYS D 203 -27.23 13.64 37.80
CA SER D 204 -30.43 14.31 39.88
CA VAL D 205 -33.83 16.15 39.63
CA THR D 206 -35.38 17.75 42.77
CA CYS D 207 -39.07 17.14 43.66
CA HIS D 208 -40.58 19.94 45.84
CA VAL D 209 -43.67 18.85 47.87
CA LYS D 210 -45.89 21.37 49.74
CA HIS D 211 -48.62 19.80 51.97
CA TYR D 212 -51.19 22.67 52.97
CA THR D 213 -49.52 25.78 54.50
CA ASN D 214 -46.63 23.65 55.90
CA PRO D 215 -42.93 24.23 54.86
CA SER D 216 -41.77 22.66 51.53
CA GLN D 217 -40.29 19.11 51.73
CA ASP D 218 -37.57 18.62 49.08
CA VAL D 219 -36.07 15.33 47.75
CA THR D 220 -33.18 14.98 45.29
CA VAL D 221 -34.11 11.94 43.10
CA PRO D 222 -31.37 10.22 40.94
CA CYS D 223 -31.13 9.40 37.07
CA PRO D 224 -29.43 6.29 35.40
CA VAL D 225 -26.71 3.72 35.34
CA PRO D 226 -27.01 2.33 31.63
CA SER D 227 -25.90 -0.49 29.00
CA THR D 228 -26.51 -2.67 25.64
CA PRO D 229 -25.68 -5.19 22.72
CA PRO D 230 -24.88 -8.40 20.45
CA THR D 231 -23.61 -10.43 17.21
CA PRO D 232 -23.89 -13.42 14.50
CA SER D 233 -22.29 -16.19 12.02
CA PRO D 234 -21.92 -18.09 8.49
CA SER D 235 -21.53 -21.54 6.45
CA THR D 236 -19.34 -24.13 4.32
CA PRO D 237 -19.44 -26.61 1.21
CA PRO D 238 -18.81 -30.50 0.88
CA THR D 239 -15.06 -31.32 0.08
CA PRO D 240 -13.38 -34.90 -0.59
CA SER D 241 -11.41 -37.64 0.60
CA PRO D 242 -11.18 -40.37 3.65
CA SER D 243 -9.79 -42.98 6.21
CA CYS D 244 -7.80 -43.11 8.54
CA CYS D 245 -5.86 -44.19 5.41
CA HIS D 246 -5.27 -43.02 1.75
CA PRO D 247 -1.93 -43.95 -0.08
CA ARG D 248 -0.01 -40.75 -1.16
CA LEU D 249 3.61 -40.77 -2.60
CA SER D 250 5.62 -37.50 -2.01
CA LEU D 251 9.22 -36.53 -3.00
CA HIS D 252 10.86 -33.76 -0.87
CA ARG D 253 13.97 -32.26 -2.67
CA PRO D 254 17.42 -31.44 -1.07
CA ALA D 255 17.92 -27.88 0.44
CA LEU D 256 20.02 -25.27 -1.56
CA GLU D 257 22.24 -23.99 1.36
CA ASP D 258 23.27 -27.54 2.59
CA LEU D 259 24.11 -28.93 -0.92
CA LEU D 260 26.22 -25.78 -1.77
CA LEU D 261 28.04 -25.44 1.65
CA GLY D 262 29.85 -28.84 2.08
CA SER D 263 28.01 -31.20 -0.42
CA GLU D 264 25.13 -32.22 1.98
CA ALA D 265 22.03 -33.25 -0.08
CA ASN D 266 19.36 -35.94 0.62
CA LEU D 267 16.40 -36.60 -1.73
CA THR D 268 13.62 -37.88 0.53
CA CYS D 269 10.84 -40.35 -0.47
CA THR D 270 7.68 -40.42 1.66
CA LEU D 271 4.78 -42.94 1.22
CA THR D 272 1.70 -41.60 3.08
CA GLY D 273 -1.63 -43.56 2.93
CA LEU D 274 -0.58 -47.30 3.05
CA ARG D 275 -3.58 -48.96 4.95
CA ASP D 276 -3.46 -51.73 7.69
CA ALA D 277 -1.25 -54.97 7.59
CA SER D 278 1.29 -53.65 5.05
CA GLY D 279 4.91 -52.97 3.83
CA VAL D 280 6.57 -50.77 1.13
CA THR D 281 9.48 -51.82 -1.22
CA PHE D 282 11.69 -48.97 -2.51
CA THR D 283 13.75 -48.85 -5.79
CA TRP D 284 16.07 -45.74 -6.06
CA THR D 285 18.29 -44.87 -9.12
CA PRO D 286 22.01 -44.39 -8.10
CA SER D 287 23.68 -40.89 -8.11
CA SER D 288 26.29 -40.18 -10.90
CA GLY D 289 29.47 -41.61 -9.17
CA LYS D 290 27.88 -45.16 -8.90
CA SER D 291 26.21 -44.54 -5.47
CA ALA D 292 22.86 -45.95 -4.10
CA VAL D 293 22.41 -45.87 -0.25
CA GLN D 294 18.97 -46.04 1.58
CA GLY D 295 17.34 -46.29 5.12
CA PRO D 296 13.54 -47.04 5.24
CA PRO D 297 11.58 -47.08 8.62
CA GLU D 298 7.75 -47.59 8.88
CA ARG D 299 6.05 -44.81 10.93
CA ASP D 300 2.27 -44.85 11.79
CA LEU D 301 1.11 -41.18 11.15
CA CYS D 302 -2.57 -40.10 11.88
CA GLY D 303 -3.54 -43.81 12.18
CA CYS D 304 -1.72 -45.45 9.16
CA TYR D 305 1.83 -46.52 8.00
CA SER D 306 4.37 -44.25 6.15
CA VAL D 307 7.59 -45.76 4.60
CA SER D 308 9.95 -42.80 4.50
CA SER D 309 13.24 -43.70 2.80
CA VAL D 310 16.19 -41.30 2.17
CA LEU D 311 18.96 -41.34 -0.52
CA PRO D 312 22.11 -39.27 0.44
CA GLY D 313 23.60 -37.36 -2.57
CA CYS D 314 26.65 -35.29 -3.64
CA ALA D 315 26.65 -31.69 -5.08
CA GLU D 316 27.96 -32.66 -8.62
CA PRO D 317 24.94 -34.88 -9.75
CA TRP D 318 22.46 -32.14 -8.55
CA ASN D 319 24.50 -29.20 -10.14
CA HIS D 320 25.34 -30.99 -13.51
CA GLY D 321 21.86 -32.57 -14.20
CA LYS D 322 20.88 -36.03 -12.73
CA THR D 323 17.32 -37.57 -12.61
CA PHE D 324 16.51 -39.19 -9.20
CA THR D 325 13.77 -41.83 -9.42
CA CYS D 326 12.03 -43.28 -6.33
CA THR D 327 9.98 -46.26 -7.56
CA ALA D 328 7.85 -47.84 -4.82
CA ALA D 329 6.07 -51.28 -5.13
CA TYR D 330 3.12 -52.57 -2.93
CA PRO D 331 0.50 -55.37 -3.79
CA GLU D 332 -2.66 -53.16 -3.18
CA SER D 333 -1.06 -50.45 -5.48
CA LYS D 334 -1.63 -52.31 -8.86
CA THR D 335 0.75 -49.90 -10.72
CA PRO D 336 4.08 -49.48 -8.75
CA LEU D 337 4.54 -45.66 -8.29
CA THR D 338 7.53 -43.99 -9.91
CA ALA D 339 8.42 -40.34 -8.96
CA THR D 340 11.48 -38.70 -10.63
CA LEU D 341 13.25 -35.45 -9.62
CA SER D 342 16.16 -33.28 -11.01
CA LYS D 343 17.39 -29.64 -11.67
CA SER D 344 15.24 -27.03 -13.59
CA GLY D 345 15.13 -25.64 -17.21
CA ASN D 346 17.65 -24.51 -19.93
CA THR D 347 20.73 -22.36 -18.89
CA PHE D 348 21.41 -18.54 -19.31
CA ARG D 349 24.71 -16.61 -18.55
CA PRO D 350 24.40 -14.09 -15.59
CA GLU D 351 25.06 -10.42 -16.47
CA VAL D 352 27.01 -8.97 -13.47
CA HIS D 353 27.04 -5.11 -13.10
CA LEU D 354 28.62 -3.48 -9.98
CA LEU D 355 26.95 -0.24 -8.80
CA PRO D 356 28.74 2.36 -6.57
CA PRO D 357 26.78 4.17 -3.76
CA PRO D 358 24.34 7.05 -4.41
CA SER D 359 25.66 10.64 -3.82
CA GLU D 360 23.15 11.12 -0.90
CA GLU D 361 24.41 7.92 0.92
CA LEU D 362 27.88 9.61 1.20
CA ALA D 363 26.14 11.96 3.71
CA LEU D 364 25.93 8.70 5.82
CA ASN D 365 28.99 7.21 7.70
CA GLU D 366 29.34 3.63 9.18
CA LEU D 367 28.06 1.67 6.10
CA VAL D 368 28.43 2.57 2.35
CA THR D 369 26.10 0.52 0.22
CA LEU D 370 28.12 -1.33 -2.52
CA THR D 371 25.65 -3.10 -4.83
CA CYS D 372 26.11 -5.80 -7.48
CA LEU D 373 23.21 -6.74 -9.80
CA ALA D 374 23.27 -10.32 -11.21
CA ARG D 375 20.51 -10.41 -13.89
CA GLY D 376 19.15 -12.55 -16.79
CA PHE D 377 20.41 -15.86 -15.28
CA SER D 378 18.89 -19.43 -15.28
CA PRO D 379 18.50 -21.73 -13.53
CA LYS D 380 18.09 -19.84 -10.16
CA ASP D 381 21.06 -21.82 -8.85
CA VAL D 382 23.87 -19.25 -8.14
CA LEU D 383 26.55 -18.25 -5.52
CA VAL D 384 27.52 -14.60 -5.02
CA ARG D 385 30.36 -13.53 -2.64
CA TRP D 386 32.35 -10.31 -1.98
CA LEU D 387 36.12 -9.70 -1.67
CA GLN D 388 38.31 -6.84 -0.35
CA GLY D 389 41.31 -5.88 -2.62
CA SER D 390 42.96 -3.69 0.11
CA GLN D 391 43.57 -6.64 2.56
CA GLU D 392 43.53 -9.54 -0.05
CA LEU D 393 40.68 -11.20 1.95
CA PRO D 394 36.96 -12.19 1.74
CA ARG D 395 34.45 -9.70 3.27
CA GLU D 396 31.86 -10.04 6.07
CA LYS D 397 29.19 -7.28 6.06
CA TYR D 398 27.17 -8.36 3.01
CA LEU D 399 23.60 -9.63 2.38
CA THR D 400 22.09 -11.23 -0.82
CA TRP D 401 18.30 -11.15 -1.64
CA ALA D 402 16.24 -12.98 -4.41
CA SER D 403 13.87 -12.50 -7.47
CA ARG D 404 12.58 -15.21 -9.95
CA GLN D 405 10.97 -13.30 -12.91
CA GLU D 406 7.81 -14.96 -14.45
CA PRO D 407 4.85 -12.99 -16.00
CA SER D 408 2.10 -14.32 -18.42
CA GLN D 409 4.56 -14.35 -21.42
CA GLY D 410 7.47 -16.68 -22.46
CA THR D 411 10.02 -14.38 -20.69
CA THR D 412 11.29 -16.22 -17.51
CA THR D 413 14.89 -15.70 -16.07
CA PHE D 414 16.12 -14.55 -12.54
CA ALA D 415 17.66 -11.42 -10.96
CA VAL D 416 19.31 -10.76 -7.54
CA THR D 417 20.99 -7.76 -5.87
CA SER D 418 23.85 -8.29 -3.35
CA ILE D 419 24.60 -5.52 -0.80
CA LEU D 420 28.14 -5.09 0.68
CA ARG D 421 28.11 -2.43 3.42
CA VAL D 422 31.49 -0.60 4.08
CA ALA D 423 32.85 2.37 6.11
CA ALA D 424 32.60 5.64 4.00
CA GLU D 425 36.38 6.14 4.52
CA ASP D 426 37.70 2.83 2.91
CA TRP D 427 35.70 3.47 -0.32
CA LYS D 428 37.32 7.02 -0.40
CA LYS D 429 40.77 5.53 0.48
CA GLY D 430 40.47 4.09 -3.10
CA ASP D 431 39.81 0.44 -2.19
CA THR D 432 38.78 -2.11 -4.86
CA PHE D 433 35.88 -4.39 -3.80
CA SER D 434 34.87 -7.30 -6.10
CA CYS D 435 31.60 -9.20 -6.43
CA MET D 436 32.34 -12.88 -7.41
CA VAL D 437 29.46 -14.75 -9.13
CA GLY D 438 29.48 -18.56 -9.64
CA HIS D 439 26.91 -20.08 -12.01
CA GLU D 440 26.40 -23.13 -14.36
CA ALA D 441 26.58 -20.91 -17.53
CA LEU D 442 29.64 -18.76 -16.60
CA PRO D 443 32.90 -19.33 -18.67
CA LEU D 444 34.98 -21.07 -15.93
CA ALA D 445 31.83 -21.41 -13.70
CA PHE D 446 33.14 -18.15 -12.18
CA THR D 447 33.19 -14.41 -13.03
CA GLN D 448 34.22 -11.43 -10.87
CA LYS D 449 33.29 -7.74 -11.52
CA THR D 450 35.10 -4.97 -9.55
CA ILE D 451 34.14 -1.62 -7.84
CA ASP D 452 36.44 1.25 -6.71
CA ARG D 453 36.26 5.08 -6.11
CA LEU D 454 38.53 5.34 -9.26
CA ALA D 455 36.77 6.01 -12.64
CA GLY D 456 38.89 6.25 -15.86
CA LYS D 457 36.65 7.15 -18.86
CA PRO D 458 38.19 5.13 -21.74
CA THR D 459 35.77 3.46 -20.38
CA HIS D 460 34.89 0.66 -17.85
CA VAL D 461 37.93 -1.81 -17.92
CA ASN D 462 39.15 -4.52 -15.39
CA VAL D 463 42.30 -5.52 -13.26
CA SER D 464 45.42 -7.32 -14.74
CA VAL D 465 46.35 -11.13 -14.82
CA VAL D 466 47.15 -12.18 -11.17
CA MET D 467 48.77 -15.71 -11.10
CA ALA D 468 50.38 -18.12 -13.72
CA GLU D 469 51.01 -21.22 -14.09
CA VAL D 470 50.12 -23.75 -11.22
CA ASP D 471 46.58 -24.55 -12.60
CA GLY D 472 45.51 -27.54 -10.39
CA THR D 473 46.05 -30.39 -12.94
CA CYS D 474 49.73 -29.38 -13.60
CA TYR D 475 50.68 -28.37 -9.94
CA SER E 5 4.04 56.48 20.15
CA GLU E 6 3.09 58.21 16.91
CA VAL E 7 0.50 55.60 15.87
CA ALA E 8 -1.11 56.00 19.30
CA HIS E 9 -1.23 59.77 19.04
CA ARG E 10 -2.73 59.66 15.60
CA PHE E 11 -5.18 56.85 16.53
CA LYS E 12 -6.25 59.05 19.47
CA ASP E 13 -6.50 62.25 17.48
CA LEU E 14 -8.53 60.71 14.62
CA GLY E 15 -10.58 57.95 16.30
CA GLU E 16 -10.77 54.31 15.39
CA GLU E 17 -12.91 54.94 12.26
CA ASN E 18 -11.01 57.52 10.24
CA PHE E 19 -7.71 56.02 11.45
CA LYS E 20 -8.67 52.61 10.15
CA ALA E 21 -9.97 54.10 6.85
CA LEU E 22 -6.95 56.23 6.01
CA VAL E 23 -4.76 53.18 6.64
CA LEU E 24 -6.69 51.21 4.06
CA ILE E 25 -6.27 54.21 1.72
CA ALA E 26 -2.49 54.52 2.24
CA PHE E 27 -1.79 50.85 1.53
CA ALA E 28 -4.12 50.81 -1.50
CA GLN E 29 -2.35 53.87 -2.86
CA TYR E 30 0.98 52.03 -2.35
CA LEU E 31 0.08 48.49 -3.59
CA GLN E 32 -2.54 49.14 -6.29
CA GLN E 33 -2.60 45.68 -7.86
CA CYS E 34 -3.18 44.19 -4.47
CA PRO E 35 -6.48 42.37 -3.56
CA PHE E 36 -8.98 43.98 -1.26
CA GLU E 37 -9.01 40.97 1.03
CA ASP E 38 -5.26 41.26 1.55
CA HIS E 39 -5.49 44.98 2.45
CA VAL E 40 -8.34 44.42 4.94
CA LYS E 41 -6.18 41.95 6.97
CA LEU E 42 -3.19 44.25 6.98
CA VAL E 43 -5.30 47.20 8.24
CA ASN E 44 -6.87 45.02 10.86
CA GLU E 45 -3.35 43.97 12.04
CA VAL E 46 -2.03 47.56 11.96
CA THR E 47 -5.14 48.55 14.00
CA GLU E 48 -5.16 45.83 16.59
CA PHE E 49 -1.54 46.92 17.03
CA ALA E 50 -2.28 50.64 17.32
CA LYS E 51 -4.66 49.77 20.13
CA THR E 52 -1.98 47.99 22.19
CA CYS E 53 -0.05 51.24 21.99
CA VAL E 54 -2.97 53.41 23.11
CA ALA E 55 -3.24 51.13 26.14
CA ASP E 56 0.59 51.27 26.61
CA GLU E 57 2.92 53.75 24.91
CA SER E 58 5.83 51.74 26.26
CA ALA E 59 4.74 48.44 24.71
CA GLU E 60 6.65 46.52 22.01
CA ASN E 61 7.21 48.66 18.93
CA CYS E 62 5.01 51.62 19.79
CA ASP E 63 7.92 54.09 19.54
CA LYS E 64 8.33 53.27 15.85
CA SER E 65 7.60 55.68 13.03
CA LEU E 66 4.51 55.12 10.96
CA HIS E 67 6.43 54.58 7.77
CA THR E 68 8.49 51.88 9.44
CA LEU E 69 5.39 50.14 10.93
CA PHE E 70 3.52 50.56 7.65
CA GLY E 71 6.04 49.28 5.16
CA ASP E 72 6.77 46.08 7.10
CA LYS E 73 3.14 45.22 6.76
CA LEU E 74 3.05 46.13 3.03
CA CYS E 75 6.25 44.18 2.55
CA THR E 76 4.72 40.98 3.94
CA VAL E 77 2.87 40.81 0.62
CA ALA E 78 4.94 42.69 -1.95
CA THR E 79 8.03 40.40 -2.11
CA LEU E 80 6.10 37.89 -4.25
CA ARG E 81 6.88 39.51 -7.65
CA GLU E 82 5.00 36.88 -9.72
CA THR E 83 2.06 39.04 -8.49
CA TYR E 84 3.74 42.54 -8.43
CA GLY E 85 7.17 42.46 -10.16
CA GLU E 86 8.89 45.85 -9.57
CA MET E 87 7.45 46.59 -6.04
CA ALA E 88 9.80 44.00 -4.57
CA ASP E 89 13.08 45.97 -4.43
CA CYS E 90 11.55 48.72 -2.26
CA CYS E 91 11.30 46.15 0.51
CA ALA E 92 15.00 45.56 0.24
CA LYS E 93 15.67 49.17 1.24
CA GLN E 94 14.80 50.75 4.62
CA GLU E 95 13.33 54.01 5.80
CA PRO E 96 13.51 56.69 4.58
CA GLU E 97 14.70 55.16 1.27
CA ARG E 98 11.95 52.50 1.16
CA ASN E 99 9.04 55.05 1.31
CA GLU E 100 10.85 57.18 -1.29
CA CYS E 101 10.84 54.02 -3.47
CA PHE E 102 7.14 53.20 -2.80
CA LEU E 103 6.13 56.78 -3.76
CA GLN E 104 8.33 56.65 -6.81
CA HIS E 105 6.23 53.65 -7.88
CA LYS E 106 2.68 54.94 -7.64
CA ASP E 107 0.99 54.28 -11.02
CA ASP E 108 -1.22 57.03 -12.47
CA ASN E 109 -2.83 54.69 -14.98
CA PRO E 110 -2.89 51.22 -13.35
CA ASN E 111 -3.72 48.35 -15.66
CA LEU E 112 -6.91 47.49 -13.77
CA PRO E 113 -10.33 46.09 -14.91
CA ARG E 114 -12.71 48.89 -15.67
CA LEU E 115 -14.99 49.02 -12.66
CA VAL E 116 -18.60 48.43 -13.59
CA ARG E 117 -21.64 48.74 -11.39
CA PRO E 118 -24.18 46.02 -10.64
CA GLU E 119 -27.93 46.66 -10.78
CA VAL E 120 -29.36 48.73 -7.95
CA ASP E 121 -30.84 45.68 -6.26
CA VAL E 122 -27.51 43.93 -6.33
CA MET E 123 -25.87 47.00 -4.77
CA CYS E 124 -28.58 47.78 -2.23
CA THR E 125 -28.66 44.23 -0.92
CA ALA E 126 -24.89 43.98 -0.50
CA PHE E 127 -25.03 47.35 1.21
CA HIS E 128 -27.51 46.16 3.76
CA ASP E 129 -25.76 42.82 4.25
CA ASN E 130 -22.52 44.57 5.31
CA GLU E 131 -22.19 48.32 4.81
CA GLU E 132 -18.65 48.29 6.25
CA THR E 133 -17.42 45.77 3.67
CA PHE E 134 -19.55 47.68 1.18
CA LEU E 135 -17.90 50.98 2.07
CA LYS E 136 -14.40 49.62 2.51
CA LYS E 137 -14.59 48.30 -1.09
CA TYR E 138 -15.34 51.81 -2.23
CA LEU E 139 -12.39 53.57 -0.59
CA TYR E 140 -10.23 50.79 -1.93
CA GLU E 141 -11.35 50.94 -5.58
CA ILE E 142 -11.15 54.72 -5.75
CA ALA E 143 -7.76 54.72 -3.92
CA ARG E 144 -5.87 52.22 -6.04
CA ARG E 145 -7.14 53.96 -9.15
CA HIS E 146 -6.26 57.45 -8.02
CA PRO E 147 -2.97 57.01 -6.08
CA TYR E 148 -2.71 60.74 -5.20
CA PHE E 149 -6.29 61.34 -4.04
CA TYR E 150 -6.31 63.83 -1.14
CA ALA E 151 -6.95 61.39 1.69
CA PRO E 152 -9.18 63.67 3.87
CA GLU E 153 -11.45 64.50 0.95
CA LEU E 154 -11.82 60.85 0.19
CA LEU E 155 -13.39 60.32 3.63
CA PHE E 156 -15.97 63.02 2.76
CA PHE E 157 -16.88 61.41 -0.57
CA ALA E 158 -17.27 58.15 1.31
CA LYS E 159 -19.70 59.87 3.69
CA ARG E 160 -21.81 61.00 0.74
CA TYR E 161 -21.51 57.71 -1.01
CA LYS E 162 -23.01 56.10 2.06
CA ALA E 163 -25.92 58.50 2.47
CA ALA E 164 -26.91 57.80 -1.18
CA PHE E 165 -27.43 54.13 -0.51
CA THR E 166 -28.92 54.62 2.93
CA GLU E 167 -31.40 57.10 1.46
CA CYS E 168 -31.94 55.72 -2.06
CA CYS E 169 -32.39 52.09 -0.95
CA GLN E 170 -35.51 52.93 1.09
CA ALA E 171 -36.98 54.93 -1.78
CA ALA E 172 -39.91 53.79 -3.85
CA ASP E 173 -38.02 54.13 -7.11
CA LYS E 174 -34.51 53.33 -5.96
CA ALA E 175 -32.81 53.16 -9.36
CA ALA E 176 -33.95 56.76 -10.01
CA CYS E 177 -32.95 58.26 -6.67
CA LEU E 178 -29.62 56.51 -6.68
CA LEU E 179 -28.32 56.52 -10.18
CA PRO E 180 -27.99 60.29 -10.56
CA LYS E 181 -26.15 60.33 -7.28
CA LEU E 182 -23.40 57.83 -8.04
CA ASP E 183 -22.94 59.91 -11.14
CA GLU E 184 -22.40 63.18 -9.42
CA LEU E 185 -19.95 61.58 -6.99
CA ARG E 186 -18.07 59.64 -9.66
CA ASP E 187 -17.66 62.88 -11.64
CA GLU E 188 -16.69 65.20 -8.79
CA GLY E 189 -14.39 62.46 -7.52
CA LYS E 190 -12.43 62.60 -10.73
CA ALA E 191 -12.29 66.38 -10.51
CA SER E 192 -10.97 66.33 -6.96
CA SER E 193 -8.32 63.89 -8.02
CA ALA E 194 -7.09 65.91 -10.97
CA LYS E 195 -6.72 68.98 -8.77
CA GLN E 196 -4.85 67.14 -6.01
CA ARG E 197 -2.42 65.58 -8.51
CA LEU E 198 -1.55 69.12 -9.63
CA LYS E 199 -0.67 70.12 -6.05
CA CYS E 200 1.60 67.14 -5.54
CA ALA E 201 3.28 67.66 -8.92
CA SER E 202 4.04 71.22 -7.91
CA LEU E 203 5.78 70.13 -4.77
CA GLN E 204 7.56 67.11 -6.15
CA LYS E 205 8.76 68.37 -9.53
CA PHE E 206 8.97 72.10 -9.00
CA GLY E 207 9.44 72.61 -5.28
CA GLU E 208 7.92 74.11 -2.17
CA ARG E 209 8.62 77.69 -3.27
CA ALA E 210 6.49 76.93 -6.33
CA PHE E 211 3.55 75.67 -4.35
CA LYS E 212 3.84 78.55 -1.91
CA ALA E 213 3.59 81.19 -4.63
CA TRP E 214 0.39 79.51 -5.82
CA ALA E 215 -1.20 79.24 -2.31
CA VAL E 216 -0.33 82.89 -1.62
CA ALA E 217 -1.92 84.05 -4.88
CA ARG E 218 -4.92 81.79 -4.45
CA LEU E 219 -5.82 82.55 -0.86
CA SER E 220 -5.27 86.26 -1.34
CA GLN E 221 -7.90 86.18 -4.09
CA ARG E 222 -10.21 84.34 -1.76
CA PHE E 223 -9.65 86.42 1.44
CA PRO E 224 -8.86 89.93 0.09
CA LYS E 225 -9.56 91.45 3.50
CA ALA E 226 -6.99 89.25 5.28
CA GLU E 227 -3.60 90.61 6.23
CA PHE E 228 -0.33 89.51 4.68
CA ALA E 229 0.80 87.96 7.99
CA GLU E 230 -2.46 86.06 8.21
CA VAL E 231 -2.47 84.81 4.65
CA SER E 232 1.24 83.79 5.08
CA LYS E 233 0.46 81.71 8.15
CA LEU E 234 -2.38 79.89 6.33
CA VAL E 235 -0.18 79.28 3.33
CA THR E 236 2.48 77.79 5.64
CA ASP E 237 -0.01 75.27 7.10
CA LEU E 238 -1.71 74.55 3.82
CA THR E 239 1.66 73.62 2.35
CA LYS E 240 2.50 71.33 5.24
CA VAL E 241 -0.86 69.72 4.73
CA HIS E 242 -0.17 68.90 1.14
CA THR E 243 3.44 67.82 1.62
CA GLU E 244 2.21 65.13 3.96
CA CYS E 245 -0.61 63.95 1.79
CA CYS E 246 1.66 64.06 -1.27
CA HIS E 247 4.47 62.09 0.45
CA GLY E 248 2.29 59.29 1.88
CA ASP E 249 1.86 60.80 5.30
CA LEU E 250 -1.93 60.60 5.29
CA LEU E 251 -2.80 60.12 8.97
CA GLU E 252 -0.81 63.27 9.78
CA CYS E 253 -2.02 65.17 6.76
CA ALA E 254 -5.60 64.65 7.95
CA ASP E 255 -4.76 65.46 11.54
CA ASP E 256 -3.25 68.85 10.49
CA ARG E 257 -6.00 69.70 8.03
CA ALA E 258 -8.35 69.16 10.92
CA ASP E 259 -6.38 71.72 12.95
CA LEU E 260 -6.24 74.25 10.14
CA ALA E 261 -9.99 74.19 9.53
CA LYS E 262 -10.28 74.90 13.29
CA TYR E 263 -7.79 77.81 13.29
CA ILE E 264 -9.48 79.29 10.27
CA CYS E 265 -12.89 79.16 11.91
CA GLU E 266 -11.51 80.51 15.19
CA ASN E 267 -10.04 83.51 13.42
CA GLN E 268 -12.97 83.75 11.11
CA ASP E 269 -13.30 87.54 11.33
CA SER E 270 -9.60 88.15 10.47
CA ILE E 271 -9.78 85.88 7.41
CA SER E 272 -13.11 86.06 5.53
CA SER E 273 -16.81 86.84 5.93
CA LYS E 274 -18.14 84.02 3.74
CA LEU E 275 -16.88 81.38 6.19
CA LYS E 276 -19.57 81.40 8.88
CA GLU E 277 -21.69 78.82 7.09
CA CYS E 278 -18.81 76.32 6.84
CA CYS E 279 -17.76 76.70 10.43
CA GLU E 280 -21.09 75.33 11.72
CA LYS E 281 -20.74 72.07 9.72
CA PRO E 282 -19.35 68.66 10.95
CA LEU E 283 -15.59 68.17 10.54
CA LEU E 284 -15.43 66.64 7.09
CA GLU E 285 -18.03 69.03 5.70
CA LYS E 286 -16.27 72.05 7.24
CA SER E 287 -12.89 71.35 5.56
CA HIS E 288 -14.38 70.60 2.15
CA CYS E 289 -16.48 73.76 2.46
CA ILE E 290 -13.63 76.02 3.51
CA ALA E 291 -11.49 74.53 0.73
CA GLU E 292 -14.19 75.50 -1.71
CA VAL E 293 -15.91 78.69 -0.72
CA GLU E 294 -16.35 81.81 -2.84
CA ASN E 295 -14.21 84.95 -2.70
CA ASP E 296 -14.90 87.61 -0.08
CA GLU E 297 -15.70 91.21 -1.11
CA MET E 298 -12.63 93.38 -1.82
CA PRO E 299 -11.70 96.24 0.65
CA ALA E 300 -13.48 99.54 -0.07
CA ASP E 301 -10.43 101.75 -0.12
CA LEU E 302 -7.25 100.04 -1.17
CA PRO E 303 -4.35 102.17 -2.49
CA SER E 304 -2.72 102.12 -5.92
CA LEU E 305 -0.05 99.39 -6.18
CA ALA E 306 2.44 101.40 -8.26
CA ALA E 307 3.12 103.53 -5.21
CA ASP E 308 5.00 100.97 -3.13
CA PHE E 309 6.15 98.69 -5.92
CA VAL E 310 7.19 100.96 -8.77
CA GLU E 311 7.04 104.49 -7.43
CA SER E 312 8.73 104.33 -4.05
CA LYS E 313 12.41 105.12 -4.45
CA ASP E 314 13.26 102.38 -1.94
CA VAL E 315 12.00 99.48 -4.07
CA CYS E 316 15.43 97.99 -4.66
CA LYS E 317 16.53 98.38 -1.03
CA ASN E 318 13.31 96.77 0.16
CA TYR E 319 13.60 94.02 -2.46
CA ALA E 320 17.18 93.09 -1.52
CA GLU E 321 16.80 92.81 2.27
CA ALA E 322 14.28 89.98 2.14
CA LYS E 323 13.39 89.30 -1.48
CA ASP E 324 10.96 86.47 -0.77
CA VAL E 325 8.80 88.37 1.76
CA PHE E 326 8.68 91.33 -0.66
CA LEU E 327 7.90 89.26 -3.76
CA GLY E 328 5.10 87.36 -2.05
CA MET E 329 3.88 90.73 -0.81
CA PHE E 330 3.58 92.08 -4.29
CA LEU E 331 1.72 88.92 -5.37
CA TYR E 332 -0.55 89.18 -2.35
CA GLU E 333 -1.43 92.77 -3.03
CA TYR E 334 -1.72 92.16 -6.76
CA ALA E 335 -3.83 89.00 -6.25
CA ARG E 336 -6.36 90.48 -3.83
CA ARG E 337 -7.20 93.34 -6.21
CA HIS E 338 -7.64 90.92 -9.16
CA PRO E 339 -9.80 87.88 -8.55
CA ASP E 340 -10.44 88.29 -12.28
CA TYR E 341 -6.99 86.86 -13.11
CA SER E 342 -6.22 83.15 -13.37
CA VAL E 343 -3.80 82.24 -10.66
CA VAL E 344 -1.27 81.19 -13.33
CA LEU E 345 -1.50 84.65 -14.86
CA LEU E 346 -0.81 86.27 -11.49
CA LEU E 347 2.28 84.09 -11.02
CA ARG E 348 3.44 84.99 -14.54
CA LEU E 349 3.19 88.59 -13.44
CA ALA E 350 5.18 88.09 -10.24
CA LYS E 351 7.83 86.14 -12.15
CA THR E 352 8.14 88.96 -14.65
CA TYR E 353 8.20 91.48 -11.86
CA GLU E 354 10.96 89.52 -10.13
CA THR E 355 13.29 89.12 -13.07
CA THR E 356 12.57 92.78 -13.73
CA LEU E 357 14.08 93.77 -10.37
CA GLU E 358 17.14 91.55 -10.98
CA LYS E 359 18.01 93.63 -14.04
CA CYS E 360 16.98 97.02 -12.71
CA CYS E 361 18.17 96.91 -9.10
CA ALA E 362 21.75 96.72 -10.33
CA ALA E 363 21.72 99.13 -13.25
CA ALA E 364 22.97 102.69 -12.74
CA ASP E 365 19.59 104.01 -11.64
CA PRO E 366 16.71 101.64 -10.75
CA HIS E 367 13.87 104.20 -10.87
CA GLU E 368 13.98 104.70 -14.65
CA CYS E 369 13.84 101.09 -15.97
CA TYR E 370 11.37 99.49 -13.59
CA ALA E 371 9.19 102.58 -14.10
CA LYS E 372 7.82 100.59 -17.05
CA VAL E 373 6.94 97.23 -15.34
CA PHE E 374 3.11 97.45 -15.63
CA ASP E 375 3.69 98.11 -19.30
CA GLU E 376 5.19 94.66 -19.59
CA PHE E 377 2.31 93.10 -17.65
CA LYS E 378 -0.09 94.10 -20.42
CA PRO E 379 0.49 91.51 -23.20
CA LEU E 380 0.68 88.86 -20.48
CA VAL E 381 -2.82 89.89 -19.57
CA GLU E 382 -4.49 89.91 -23.05
CA GLU E 383 -3.29 86.60 -24.43
CA PRO E 384 -5.30 84.53 -21.90
CA GLN E 385 -8.42 86.73 -22.29
CA ASN E 386 -8.20 86.49 -26.01
CA LEU E 387 -7.83 82.69 -25.93
CA ILE E 388 -10.75 81.98 -23.58
CA LYS E 389 -12.91 84.40 -25.60
CA GLN E 390 -11.89 82.54 -28.78
CA ASN E 391 -12.34 79.04 -27.30
CA CYS E 392 -15.66 80.03 -25.67
CA GLU E 393 -17.29 81.33 -28.85
CA LEU E 394 -16.33 78.19 -30.76
CA PHE E 395 -18.03 76.20 -27.97
CA GLU E 396 -21.39 78.02 -28.38
CA GLN E 397 -21.14 77.21 -32.07
CA LEU E 398 -20.16 73.52 -31.98
CA GLY E 399 -21.61 72.20 -28.75
CA GLU E 400 -19.63 70.08 -26.28
CA TYR E 401 -19.10 66.81 -28.22
CA LYS E 402 -17.98 68.61 -31.41
CA PHE E 403 -16.05 71.15 -29.31
CA GLN E 404 -13.94 68.20 -27.96
CA ASN E 405 -13.59 66.72 -31.44
CA ALA E 406 -12.22 70.02 -32.66
CA LEU E 407 -9.80 70.01 -29.73
CA LEU E 408 -8.96 66.34 -30.35
CA VAL E 409 -7.87 67.18 -33.87
CA ARG E 410 -6.08 70.32 -32.66
CA TYR E 411 -4.07 68.50 -30.02
CA THR E 412 -3.60 65.31 -32.10
CA LYS E 413 -1.85 67.30 -34.84
CA LYS E 414 0.19 69.07 -32.19
CA VAL E 415 1.46 66.03 -30.29
CA PRO E 416 0.88 63.07 -32.70
CA GLN E 417 3.27 60.85 -30.87
CA VAL E 418 1.07 60.64 -27.77
CA SER E 419 -1.01 57.52 -26.94
CA THR E 420 -4.57 57.57 -28.38
CA PRO E 421 -6.27 56.61 -25.11
CA THR E 422 -4.47 59.61 -23.62
CA LEU E 423 -5.16 62.06 -26.44
CA VAL E 424 -8.85 61.10 -26.08
CA GLU E 425 -9.09 61.36 -22.28
CA VAL E 426 -7.26 64.69 -22.12
CA SER E 427 -9.05 66.27 -25.03
CA ARG E 428 -12.48 65.29 -23.75
CA ASN E 429 -11.48 66.93 -20.47
CA LEU E 430 -10.13 70.04 -22.25
CA GLY E 431 -13.42 70.17 -24.14
CA LYS E 432 -15.28 70.32 -20.84
CA VAL E 433 -13.85 73.78 -20.20
CA GLY E 434 -16.41 75.41 -22.44
CA SER E 435 -19.25 74.06 -20.31
CA LYS E 436 -17.89 75.11 -16.92
CA CYS E 437 -16.78 78.60 -17.72
CA CYS E 438 -18.31 80.09 -20.86
CA LYS E 439 -21.45 80.17 -18.68
CA HIS E 440 -19.84 82.95 -16.58
CA PRO E 441 -19.64 86.72 -17.12
CA GLU E 442 -16.51 87.82 -19.05
CA ALA E 443 -15.07 88.47 -15.58
CA LYS E 444 -15.20 85.02 -13.95
CA ARG E 445 -13.98 83.35 -17.20
CA MET E 446 -10.21 83.59 -16.94
CA PRO E 447 -9.77 81.98 -13.51
CA CYS E 448 -12.26 79.27 -14.17
CA ALA E 449 -10.82 78.33 -17.54
CA GLU E 450 -7.10 79.00 -17.55
CA ASP E 451 -6.62 77.33 -14.19
CA TYR E 452 -8.84 74.46 -15.21
CA LEU E 453 -6.80 74.12 -18.40
CA SER E 454 -3.76 73.76 -16.11
CA VAL E 455 -5.25 70.86 -14.08
CA VAL E 456 -5.89 68.98 -17.38
CA LEU E 457 -2.54 69.65 -19.02
CA ASN E 458 -0.85 68.29 -15.90
CA GLN E 459 -2.92 65.14 -16.40
CA LEU E 460 -1.19 64.86 -19.80
CA CYS E 461 2.20 65.64 -18.35
CA VAL E 462 1.95 62.78 -15.84
CA LEU E 463 0.43 60.21 -18.26
CA HIS E 464 3.16 60.90 -20.80
CA GLU E 465 6.04 60.99 -18.30
CA LYS E 466 5.32 57.31 -17.57
CA THR E 467 6.07 56.39 -21.17
CA PRO E 468 7.81 59.53 -22.58
CA VAL E 469 7.21 59.68 -26.33
CA SER E 470 7.14 63.30 -27.55
CA ASP E 471 9.84 65.86 -26.85
CA ARG E 472 7.61 68.84 -27.07
CA VAL E 473 5.30 67.39 -24.38
CA THR E 474 8.26 66.85 -22.06
CA LYS E 475 9.54 70.32 -23.05
CA CYS E 476 6.30 72.22 -22.21
CA CYS E 477 5.76 70.06 -19.10
CA THR E 478 9.29 70.19 -17.62
CA GLU E 479 10.32 73.73 -18.59
CA SER E 480 7.95 75.62 -16.26
CA LEU E 481 4.69 74.89 -14.49
CA VAL E 482 3.29 78.37 -14.82
CA ASN E 483 3.88 78.49 -18.54
CA ARG E 484 2.40 75.17 -19.54
CA ARG E 485 -0.81 76.51 -21.03
CA PRO E 486 0.94 79.21 -23.08
CA CYS E 487 3.61 76.65 -24.17
CA PHE E 488 1.03 74.16 -25.44
CA SER E 489 -1.09 76.91 -26.97
CA ALA E 490 1.90 78.29 -28.88
CA LEU E 491 2.86 74.81 -30.18
CA GLU E 492 2.05 74.12 -33.82
CA VAL E 493 1.52 71.05 -36.04
CA ASP E 494 4.46 68.65 -35.89
CA GLU E 495 5.95 68.55 -39.38
CA THR E 496 8.42 65.92 -38.11
CA TYR E 497 5.52 63.44 -38.04
CA VAL E 498 5.89 59.99 -39.58
CA PRO E 499 2.34 58.51 -40.13
CA LYS E 500 1.35 54.82 -39.98
CA GLU E 501 -0.45 53.92 -43.21
CA PHE E 502 -3.73 52.28 -42.23
CA ASN E 503 -4.62 49.39 -39.94
CA ALA E 504 -7.51 47.24 -41.11
CA GLU E 505 -7.75 45.79 -37.57
CA THR E 506 -8.66 49.07 -35.82
CA PHE E 507 -11.49 50.69 -37.83
CA THR E 508 -13.78 47.72 -37.41
CA PHE E 509 -16.50 48.67 -35.00
CA HIS E 510 -18.42 45.77 -33.63
CA ALA E 511 -22.14 45.18 -32.95
CA ASP E 512 -21.47 45.07 -29.18
CA ILE E 513 -20.92 48.84 -29.50
CA CYS E 514 -24.73 49.05 -29.47
CA THR E 515 -24.94 47.82 -25.89
CA LEU E 516 -22.53 50.39 -24.42
CA SER E 517 -23.57 53.86 -23.13
CA GLU E 518 -23.83 56.86 -25.47
CA LYS E 519 -20.67 58.12 -23.67
CA GLU E 520 -18.54 55.11 -24.44
CA ARG E 521 -19.93 55.08 -27.93
CA GLN E 522 -18.59 58.64 -28.40
CA ILE E 523 -15.22 57.46 -27.15
CA LYS E 524 -15.11 54.69 -29.76
CA LYS E 525 -15.87 57.30 -32.47
CA GLN E 526 -13.36 59.83 -31.15
CA THR E 527 -10.68 57.14 -30.79
CA ALA E 528 -11.01 56.43 -34.49
CA LEU E 529 -10.91 60.11 -35.30
CA VAL E 530 -7.62 60.42 -33.42
CA GLU E 531 -6.42 57.47 -35.47
CA LEU E 532 -7.60 59.17 -38.67
CA VAL E 533 -5.42 62.19 -37.95
CA LYS E 534 -2.49 59.96 -36.95
CA HIS E 535 -2.64 58.85 -40.63
CA LYS E 536 -3.64 61.97 -42.59
CA PRO E 537 -2.47 65.11 -40.75
CA LYS E 538 -1.16 67.00 -43.79
CA ALA E 539 -4.54 68.00 -45.22
CA THR E 540 -7.37 67.95 -42.78
CA LYS E 541 -9.96 70.59 -43.51
CA GLU E 542 -13.68 70.55 -42.75
CA GLN E 543 -13.53 67.28 -44.74
CA LEU E 544 -12.42 65.54 -41.55
CA LYS E 545 -15.50 66.74 -39.67
CA ALA E 546 -17.35 65.05 -42.54
CA VAL E 547 -15.51 61.66 -42.49
CA MET E 548 -16.39 61.39 -38.79
CA ASP E 549 -20.10 62.00 -39.39
CA ASP E 550 -20.27 58.86 -41.58
CA PHE E 551 -19.24 56.55 -38.74
CA ALA E 552 -21.92 58.18 -36.59
CA ALA E 553 -24.47 57.12 -39.23
CA PHE E 554 -22.60 53.89 -39.67
CA VAL E 555 -23.15 52.99 -36.02
CA GLU E 556 -26.69 54.42 -35.72
CA LYS E 557 -27.61 52.59 -38.93
CA CYS E 558 -26.00 49.19 -38.38
CA CYS E 559 -27.07 49.15 -34.73
CA LYS E 560 -30.60 48.70 -36.04
CA ALA E 561 -30.42 46.72 -39.27
CA ASP E 562 -31.73 43.53 -37.50
CA ASP E 563 -28.55 41.99 -38.99
CA LYS E 564 -26.55 38.90 -38.00
CA GLU E 565 -23.56 41.14 -37.10
CA THR E 566 -23.37 41.35 -40.88
CA CYS E 567 -23.94 45.00 -41.97
CA PHE E 568 -21.94 46.25 -39.00
CA ALA E 569 -18.85 44.34 -40.14
CA GLU E 570 -19.57 44.29 -43.88
CA GLU E 571 -20.52 47.97 -44.17
CA GLY E 572 -17.30 48.70 -42.30
CA LYS E 573 -15.41 46.67 -44.93
CA LYS E 574 -16.75 48.98 -47.69
CA LEU E 575 -16.61 52.15 -45.61
CA VAL E 576 -13.02 51.67 -44.46
CA ALA E 577 -12.18 51.77 -48.17
CA ALA E 578 -14.20 54.98 -48.57
CA SER E 579 -12.43 56.71 -45.71
CA GLN E 580 -9.04 55.59 -47.15
CA ALA E 581 -9.87 57.49 -50.36
CA ALA E 582 -10.07 60.63 -48.23
#